data_3DZA
#
_entry.id   3DZA
#
_cell.length_a   68.207
_cell.length_b   79.016
_cell.length_c   137.990
_cell.angle_alpha   90.000
_cell.angle_beta   90.000
_cell.angle_gamma   90.000
#
_symmetry.space_group_name_H-M   'P 21 21 21'
#
loop_
_entity.id
_entity.type
_entity.pdbx_description
1 polymer 'uncharacterized putative membrane protein'
2 non-polymer 'ZINC ION'
3 non-polymer 1,2-ETHANEDIOL
4 non-polymer 'ACETATE ION'
5 water water
#
_entity_poly.entity_id   1
_entity_poly.type   'polypeptide(L)'
_entity_poly.pdbx_seq_one_letter_code
;GATDSATAAPAAAATTQVQKEAADVLQVAVQGANA(MSE)RDIQFARLALFHGQPDSAKKLTDDAAALLAADDASWAKFV
KTDAKAK(MSE)IADRYVIINASIALSEDYVATPEKESAIQSANEKLAKGDQKGAIDTLRLAGIGVIENQYL(MSE)PLN
QTRKAVAQSQELLKAGKYYEANLVLKGAEEGIVVDSE(MSE)LVAGN
;
_entity_poly.pdbx_strand_id   A,B,C,D
#
# COMPACT_ATOMS: atom_id res chain seq x y z
N ALA A 9 -31.02 -22.16 -7.45
CA ALA A 9 -31.07 -20.97 -6.56
C ALA A 9 -29.65 -20.66 -6.07
N PRO A 10 -29.17 -19.42 -6.28
CA PRO A 10 -27.79 -19.09 -5.85
C PRO A 10 -27.65 -19.08 -4.34
N ALA A 11 -26.42 -19.26 -3.85
CA ALA A 11 -26.15 -19.23 -2.41
C ALA A 11 -26.61 -17.87 -1.87
N ALA A 12 -27.33 -17.88 -0.75
CA ALA A 12 -27.64 -16.62 -0.03
C ALA A 12 -26.37 -16.16 0.69
N ALA A 13 -26.27 -14.85 0.94
CA ALA A 13 -25.12 -14.29 1.66
C ALA A 13 -25.08 -14.93 3.08
N ALA A 14 -23.88 -15.30 3.51
CA ALA A 14 -23.66 -15.96 4.79
C ALA A 14 -22.18 -15.64 5.09
N THR A 15 -21.86 -14.36 4.98
CA THR A 15 -20.47 -13.92 4.86
C THR A 15 -19.62 -14.31 6.04
N THR A 16 -20.15 -14.15 7.26
CA THR A 16 -19.38 -14.47 8.45
C THR A 16 -19.02 -15.96 8.47
N GLN A 17 -20.02 -16.82 8.20
CA GLN A 17 -19.77 -18.27 8.17
CA GLN A 17 -19.78 -18.27 8.17
C GLN A 17 -18.84 -18.67 7.03
N VAL A 18 -19.06 -18.12 5.84
CA VAL A 18 -18.25 -18.45 4.67
C VAL A 18 -16.76 -18.05 4.89
N GLN A 19 -16.55 -16.82 5.35
CA GLN A 19 -15.18 -16.35 5.63
C GLN A 19 -14.52 -17.16 6.72
N LYS A 20 -15.25 -17.52 7.76
CA LYS A 20 -14.66 -18.24 8.89
C LYS A 20 -14.21 -19.63 8.44
N GLU A 21 -15.08 -20.36 7.76
CA GLU A 21 -14.75 -21.70 7.28
CA GLU A 21 -14.77 -21.69 7.26
C GLU A 21 -13.57 -21.66 6.32
N ALA A 22 -13.57 -20.70 5.40
CA ALA A 22 -12.47 -20.56 4.46
C ALA A 22 -11.19 -20.17 5.16
N ALA A 23 -11.25 -19.15 6.02
CA ALA A 23 -10.04 -18.68 6.69
C ALA A 23 -9.46 -19.75 7.64
N ASP A 24 -10.32 -20.50 8.33
CA ASP A 24 -9.83 -21.57 9.18
C ASP A 24 -8.95 -22.55 8.38
N VAL A 25 -9.41 -23.01 7.21
CA VAL A 25 -8.57 -23.93 6.40
C VAL A 25 -7.36 -23.26 5.74
N LEU A 26 -7.33 -21.92 5.69
CA LEU A 26 -6.16 -21.20 5.17
C LEU A 26 -5.18 -20.76 6.26
N GLN A 27 -5.47 -21.10 7.52
CA GLN A 27 -4.60 -20.70 8.64
C GLN A 27 -4.50 -19.16 8.76
N VAL A 28 -5.64 -18.51 8.55
CA VAL A 28 -5.78 -17.06 8.70
C VAL A 28 -6.84 -16.79 9.76
N ALA A 29 -6.51 -15.96 10.77
CA ALA A 29 -7.47 -15.62 11.84
C ALA A 29 -8.28 -14.42 11.39
N VAL A 30 -9.37 -14.68 10.68
CA VAL A 30 -10.20 -13.59 10.17
C VAL A 30 -10.76 -12.75 11.32
N GLN A 31 -10.88 -13.35 12.51
CA GLN A 31 -11.29 -12.63 13.71
C GLN A 31 -10.36 -11.45 13.98
N GLY A 32 -9.07 -11.66 13.72
CA GLY A 32 -8.11 -10.58 13.81
C GLY A 32 -8.30 -9.48 12.76
N ALA A 33 -8.50 -9.87 11.50
CA ALA A 33 -8.83 -8.88 10.45
C ALA A 33 -10.06 -8.09 10.85
N ASN A 34 -11.06 -8.77 11.39
CA ASN A 34 -12.28 -8.09 11.84
C ASN A 34 -12.02 -7.06 12.94
N ALA A 35 -11.21 -7.46 13.92
CA ALA A 35 -10.79 -6.55 14.99
C ALA A 35 -10.07 -5.32 14.43
N ARG A 37 -10.36 -4.07 11.34
CA ARG A 37 -11.31 -3.22 10.60
C ARG A 37 -12.16 -2.41 11.60
N ASP A 38 -12.54 -3.03 12.70
CA ASP A 38 -13.24 -2.30 13.77
C ASP A 38 -12.42 -1.07 14.16
N ILE A 39 -11.12 -1.30 14.40
CA ILE A 39 -10.19 -0.24 14.80
C ILE A 39 -10.11 0.90 13.73
N GLN A 40 -9.96 0.47 12.48
CA GLN A 40 -9.97 1.37 11.33
C GLN A 40 -11.22 2.25 11.30
N PHE A 41 -12.38 1.62 11.40
CA PHE A 41 -13.64 2.34 11.38
C PHE A 41 -13.79 3.22 12.62
N ALA A 42 -13.27 2.80 13.77
CA ALA A 42 -13.32 3.63 15.01
C ALA A 42 -12.60 4.96 14.78
N ARG A 43 -11.40 4.91 14.17
CA ARG A 43 -10.69 6.13 13.89
C ARG A 43 -11.50 7.03 12.92
N LEU A 44 -12.07 6.41 11.89
CA LEU A 44 -12.90 7.15 10.94
C LEU A 44 -14.03 7.83 11.70
N ALA A 45 -14.69 7.06 12.55
CA ALA A 45 -15.87 7.54 13.28
C ALA A 45 -15.53 8.75 14.16
N LEU A 46 -14.40 8.69 14.85
CA LEU A 46 -13.97 9.80 15.71
C LEU A 46 -13.93 11.11 14.92
N PHE A 47 -13.35 11.06 13.74
CA PHE A 47 -13.15 12.25 12.93
C PHE A 47 -14.38 12.66 12.16
N HIS A 48 -15.46 11.89 12.28
CA HIS A 48 -16.78 12.34 11.80
C HIS A 48 -17.66 12.85 12.97
N GLY A 49 -17.08 13.03 14.14
CA GLY A 49 -17.84 13.49 15.30
C GLY A 49 -18.83 12.44 15.76
N GLN A 50 -18.42 11.17 15.68
CA GLN A 50 -19.26 10.05 16.08
C GLN A 50 -18.63 9.21 17.18
N PRO A 51 -18.49 9.80 18.39
CA PRO A 51 -17.81 9.09 19.48
C PRO A 51 -18.48 7.79 19.94
N ASP A 52 -19.80 7.76 19.87
CA ASP A 52 -20.59 6.62 20.22
C ASP A 52 -20.26 5.44 19.29
N SER A 53 -20.24 5.69 17.98
CA SER A 53 -19.86 4.63 17.03
C SER A 53 -18.42 4.18 17.35
N ALA A 54 -17.52 5.14 17.60
CA ALA A 54 -16.13 4.81 17.94
C ALA A 54 -16.06 3.89 19.14
N LYS A 55 -16.87 4.17 20.19
CA LYS A 55 -16.93 3.31 21.38
C LYS A 55 -17.41 1.90 21.04
N LYS A 56 -18.50 1.82 20.28
CA LYS A 56 -19.04 0.52 19.94
C LYS A 56 -18.02 -0.31 19.16
N LEU A 57 -17.32 0.35 18.23
CA LEU A 57 -16.34 -0.35 17.36
C LEU A 57 -15.13 -0.82 18.17
N THR A 58 -14.63 0.05 19.04
CA THR A 58 -13.49 -0.31 19.89
CA THR A 58 -13.48 -0.32 19.88
C THR A 58 -13.85 -1.39 20.89
N ASP A 59 -15.07 -1.34 21.44
CA ASP A 59 -15.56 -2.40 22.31
C ASP A 59 -15.68 -3.75 21.58
N ASP A 60 -16.10 -3.68 20.32
CA ASP A 60 -16.17 -4.90 19.52
C ASP A 60 -14.79 -5.48 19.28
N ALA A 61 -13.83 -4.60 18.96
CA ALA A 61 -12.42 -5.05 18.82
C ALA A 61 -11.94 -5.75 20.08
N ALA A 62 -12.21 -5.14 21.23
CA ALA A 62 -11.85 -5.73 22.51
C ALA A 62 -12.49 -7.11 22.72
N ALA A 63 -13.76 -7.26 22.38
CA ALA A 63 -14.45 -8.53 22.53
C ALA A 63 -13.84 -9.63 21.65
N LEU A 64 -13.51 -9.26 20.42
CA LEU A 64 -12.92 -10.21 19.46
C LEU A 64 -11.52 -10.65 19.91
N LEU A 65 -10.73 -9.68 20.35
CA LEU A 65 -9.38 -9.96 20.80
C LEU A 65 -9.37 -10.74 22.11
N ALA A 66 -10.43 -10.61 22.90
CA ALA A 66 -10.56 -11.35 24.19
C ALA A 66 -10.81 -12.86 24.06
N ALA A 67 -11.05 -13.33 22.84
CA ALA A 67 -11.12 -14.77 22.57
C ALA A 67 -9.88 -15.41 23.20
N ASP A 68 -10.03 -16.60 23.79
CA ASP A 68 -8.94 -17.10 24.62
C ASP A 68 -7.68 -17.47 23.82
N ASP A 69 -6.55 -17.45 24.51
CA ASP A 69 -5.28 -17.70 23.86
C ASP A 69 -5.24 -19.03 23.11
N ALA A 70 -5.84 -20.08 23.69
CA ALA A 70 -5.92 -21.36 23.00
C ALA A 70 -6.50 -21.26 21.61
N SER A 71 -7.53 -20.44 21.45
CA SER A 71 -8.20 -20.31 20.18
C SER A 71 -7.32 -19.57 19.13
N TRP A 72 -6.48 -18.61 19.55
CA TRP A 72 -5.56 -17.91 18.63
C TRP A 72 -4.36 -18.75 18.20
N ALA A 73 -4.03 -19.75 19.03
CA ALA A 73 -2.75 -20.46 18.96
C ALA A 73 -2.49 -21.08 17.59
N LYS A 74 -3.53 -21.66 16.95
CA LYS A 74 -3.33 -22.28 15.64
C LYS A 74 -3.04 -21.30 14.53
N PHE A 75 -3.25 -20.02 14.79
CA PHE A 75 -2.97 -18.98 13.81
C PHE A 75 -1.69 -18.19 14.08
N VAL A 76 -0.99 -18.53 15.17
CA VAL A 76 0.29 -17.90 15.48
C VAL A 76 1.41 -18.34 14.53
N LYS A 77 2.15 -17.36 14.00
CA LYS A 77 3.32 -17.63 13.16
C LYS A 77 4.46 -17.81 14.14
N THR A 78 4.74 -19.05 14.52
CA THR A 78 5.60 -19.27 15.68
C THR A 78 7.04 -18.91 15.32
N ASP A 79 7.37 -19.06 14.03
CA ASP A 79 8.69 -18.71 13.48
C ASP A 79 8.80 -17.32 12.85
N ALA A 80 7.91 -16.41 13.27
CA ALA A 80 7.96 -15.01 12.84
C ALA A 80 9.32 -14.43 13.23
N LYS A 81 10.05 -13.92 12.23
CA LYS A 81 11.41 -13.40 12.41
C LYS A 81 11.53 -11.88 12.58
N ALA A 82 10.57 -11.10 12.07
CA ALA A 82 10.57 -9.65 12.25
C ALA A 82 9.48 -9.33 13.23
N LYS A 83 9.86 -9.06 14.47
CA LYS A 83 8.95 -8.64 15.49
C LYS A 83 9.31 -7.27 16.01
N ILE A 85 7.87 -6.21 18.97
CA ILE A 85 7.91 -6.45 20.40
C ILE A 85 7.84 -7.94 20.60
N ALA A 86 8.24 -8.39 21.79
CA ALA A 86 8.19 -9.80 22.10
C ALA A 86 6.71 -10.11 22.32
N ASP A 87 6.13 -10.86 21.40
CA ASP A 87 4.71 -11.18 21.43
C ASP A 87 4.44 -12.40 20.55
N ARG A 88 3.23 -12.91 20.67
CA ARG A 88 2.68 -13.90 19.78
C ARG A 88 2.08 -13.16 18.58
N TYR A 89 2.69 -13.33 17.40
CA TYR A 89 2.17 -12.70 16.18
C TYR A 89 1.24 -13.66 15.45
N VAL A 90 0.01 -13.21 15.28
CA VAL A 90 -1.05 -13.98 14.64
C VAL A 90 -1.19 -13.59 13.17
N ILE A 91 -1.30 -14.58 12.30
CA ILE A 91 -1.58 -14.32 10.88
C ILE A 91 -3.05 -13.98 10.81
N ILE A 92 -3.36 -12.68 10.68
CA ILE A 92 -4.75 -12.21 10.70
C ILE A 92 -5.30 -11.93 9.29
N ASN A 93 -4.42 -11.85 8.31
CA ASN A 93 -4.83 -11.58 6.96
C ASN A 93 -3.72 -12.06 6.02
N ALA A 94 -4.09 -12.35 4.78
CA ALA A 94 -3.13 -12.80 3.79
C ALA A 94 -3.76 -12.57 2.42
N SER A 95 -2.88 -12.41 1.44
CA SER A 95 -3.31 -12.18 0.07
C SER A 95 -2.29 -12.74 -0.91
N ILE A 96 -2.70 -12.93 -2.15
CA ILE A 96 -1.81 -13.45 -3.18
C ILE A 96 -1.01 -12.35 -3.82
N ALA A 97 0.31 -12.54 -3.90
CA ALA A 97 1.20 -11.71 -4.73
C ALA A 97 1.53 -12.51 -5.98
N LEU A 98 1.32 -11.92 -7.15
CA LEU A 98 1.42 -12.63 -8.43
C LEU A 98 2.14 -11.80 -9.46
N SER A 99 3.09 -12.44 -10.16
CA SER A 99 3.86 -11.80 -11.22
C SER A 99 4.01 -12.71 -12.42
N GLU A 100 3.60 -12.19 -13.59
CA GLU A 100 3.88 -12.81 -14.89
C GLU A 100 3.97 -11.70 -15.93
N ASP A 101 4.32 -12.04 -17.15
CA ASP A 101 4.53 -11.04 -18.19
C ASP A 101 3.31 -10.75 -19.06
N TYR A 102 2.26 -11.57 -18.90
CA TYR A 102 0.97 -11.38 -19.55
C TYR A 102 1.05 -11.64 -21.05
N VAL A 103 2.17 -12.24 -21.49
CA VAL A 103 2.35 -12.67 -22.88
C VAL A 103 2.06 -14.16 -22.97
N ALA A 104 1.07 -14.51 -23.78
CA ALA A 104 0.76 -15.93 -23.98
C ALA A 104 1.84 -16.62 -24.81
N THR A 105 2.21 -17.81 -24.39
CA THR A 105 3.10 -18.66 -25.16
C THR A 105 2.55 -20.07 -25.04
N PRO A 106 2.92 -20.94 -25.98
CA PRO A 106 2.48 -22.32 -25.83
C PRO A 106 2.90 -22.98 -24.53
N GLU A 107 4.12 -22.71 -24.10
CA GLU A 107 4.61 -23.25 -22.85
C GLU A 107 3.78 -22.78 -21.65
N LYS A 108 3.42 -21.50 -21.61
CA LYS A 108 2.58 -20.98 -20.54
CA LYS A 108 2.59 -20.98 -20.54
C LYS A 108 1.16 -21.53 -20.59
N GLU A 109 0.60 -21.65 -21.79
CA GLU A 109 -0.75 -22.17 -21.95
C GLU A 109 -0.82 -23.58 -21.40
N SER A 110 0.15 -24.40 -21.79
CA SER A 110 0.22 -25.76 -21.30
C SER A 110 0.42 -25.85 -19.78
N ALA A 111 1.30 -25.00 -19.25
CA ALA A 111 1.59 -24.96 -17.83
C ALA A 111 0.34 -24.54 -17.04
N ILE A 112 -0.38 -23.55 -17.55
CA ILE A 112 -1.60 -23.10 -16.86
C ILE A 112 -2.63 -24.23 -16.81
N GLN A 113 -2.81 -24.97 -17.90
CA GLN A 113 -3.78 -26.07 -17.96
CA GLN A 113 -3.79 -26.05 -17.93
C GLN A 113 -3.38 -27.15 -16.94
N SER A 114 -2.12 -27.51 -16.99
CA SER A 114 -1.57 -28.49 -16.06
C SER A 114 -1.77 -28.07 -14.60
N ALA A 115 -1.43 -26.80 -14.29
CA ALA A 115 -1.62 -26.26 -12.94
C ALA A 115 -3.08 -26.33 -12.50
N ASN A 116 -3.99 -25.95 -13.40
CA ASN A 116 -5.41 -26.02 -13.11
C ASN A 116 -5.83 -27.42 -12.72
N GLU A 117 -5.35 -28.41 -13.47
CA GLU A 117 -5.70 -29.81 -13.19
C GLU A 117 -5.13 -30.27 -11.84
N LYS A 118 -3.92 -29.80 -11.50
CA LYS A 118 -3.31 -30.10 -10.20
C LYS A 118 -4.09 -29.46 -9.05
N LEU A 119 -4.48 -28.18 -9.20
CA LEU A 119 -5.25 -27.51 -8.15
C LEU A 119 -6.61 -28.19 -7.97
N ALA A 120 -7.20 -28.69 -9.06
CA ALA A 120 -8.48 -29.41 -8.97
C ALA A 120 -8.39 -30.59 -8.03
N LYS A 121 -7.20 -31.21 -7.97
CA LYS A 121 -6.93 -32.38 -7.15
CA LYS A 121 -6.99 -32.38 -7.12
C LYS A 121 -6.26 -32.04 -5.80
N GLY A 122 -6.14 -30.74 -5.49
CA GLY A 122 -5.50 -30.30 -4.25
C GLY A 122 -3.98 -30.41 -4.22
N ASP A 123 -3.37 -30.59 -5.39
CA ASP A 123 -1.92 -30.70 -5.52
C ASP A 123 -1.33 -29.29 -5.64
N GLN A 124 -1.33 -28.58 -4.52
CA GLN A 124 -0.82 -27.20 -4.49
C GLN A 124 0.66 -27.09 -4.90
N LYS A 125 1.51 -27.91 -4.29
CA LYS A 125 2.94 -27.88 -4.62
C LYS A 125 3.17 -28.09 -6.11
N GLY A 126 2.53 -29.10 -6.69
CA GLY A 126 2.73 -29.38 -8.10
C GLY A 126 2.29 -28.23 -8.97
N ALA A 127 1.16 -27.64 -8.61
CA ALA A 127 0.64 -26.46 -9.34
C ALA A 127 1.56 -25.28 -9.27
N ILE A 128 2.00 -24.91 -8.07
CA ILE A 128 2.87 -23.75 -7.91
C ILE A 128 4.20 -23.96 -8.65
N ASP A 129 4.76 -25.15 -8.54
CA ASP A 129 6.01 -25.47 -9.20
C ASP A 129 5.87 -25.41 -10.74
N THR A 130 4.77 -25.94 -11.25
CA THR A 130 4.51 -25.88 -12.69
C THR A 130 4.39 -24.46 -13.22
N LEU A 131 3.66 -23.61 -12.49
CA LEU A 131 3.54 -22.22 -12.87
C LEU A 131 4.90 -21.51 -12.82
N ARG A 132 5.62 -21.76 -11.73
CA ARG A 132 6.94 -21.15 -11.51
C ARG A 132 7.86 -21.44 -12.69
N LEU A 133 7.89 -22.69 -13.16
CA LEU A 133 8.81 -23.09 -14.24
C LEU A 133 8.42 -22.42 -15.57
N ALA A 134 7.14 -22.01 -15.69
CA ALA A 134 6.63 -21.28 -16.86
C ALA A 134 6.72 -19.76 -16.71
N GLY A 135 7.34 -19.26 -15.63
CA GLY A 135 7.48 -17.82 -15.46
C GLY A 135 6.30 -17.13 -14.80
N ILE A 136 5.49 -17.89 -14.09
CA ILE A 136 4.37 -17.35 -13.34
C ILE A 136 4.68 -17.52 -11.87
N GLY A 137 4.91 -16.40 -11.22
CA GLY A 137 5.26 -16.40 -9.79
C GLY A 137 4.09 -16.12 -8.90
N VAL A 138 3.96 -16.86 -7.80
CA VAL A 138 2.83 -16.73 -6.88
C VAL A 138 3.31 -16.99 -5.46
N ILE A 139 3.19 -16.01 -4.57
CA ILE A 139 3.52 -16.16 -3.15
C ILE A 139 2.41 -15.51 -2.32
N GLU A 140 2.53 -15.64 -1.00
CA GLU A 140 1.54 -15.11 -0.06
C GLU A 140 2.11 -13.87 0.67
N ASN A 141 1.37 -12.76 0.65
CA ASN A 141 1.61 -11.66 1.58
C ASN A 141 0.87 -11.97 2.86
N GLN A 142 1.52 -11.72 3.99
CA GLN A 142 0.92 -12.01 5.29
C GLN A 142 0.92 -10.77 6.15
N TYR A 143 -0.12 -10.67 6.99
CA TYR A 143 -0.28 -9.56 7.91
C TYR A 143 -0.31 -10.12 9.31
N LEU A 144 0.64 -9.72 10.15
CA LEU A 144 0.90 -10.36 11.45
C LEU A 144 0.56 -9.41 12.58
N PRO A 146 0.45 -8.54 16.69
CA PRO A 146 0.91 -8.96 18.02
C PRO A 146 -0.29 -9.03 18.95
N LEU A 147 -0.55 -10.22 19.47
CA LEU A 147 -1.80 -10.46 20.21
C LEU A 147 -1.91 -9.64 21.51
N ASN A 148 -0.89 -9.73 22.37
CA ASN A 148 -0.99 -9.04 23.65
CA ASN A 148 -0.90 -9.04 23.66
C ASN A 148 -0.87 -7.53 23.48
N GLN A 149 0.02 -7.09 22.60
CA GLN A 149 0.16 -5.63 22.39
C GLN A 149 -1.12 -4.98 21.80
N THR A 150 -1.80 -5.68 20.91
CA THR A 150 -3.02 -5.15 20.31
C THR A 150 -4.15 -5.09 21.34
N ARG A 151 -4.33 -6.17 22.13
CA ARG A 151 -5.22 -6.15 23.31
C ARG A 151 -4.96 -4.94 24.20
N LYS A 152 -3.69 -4.68 24.50
CA LYS A 152 -3.28 -3.56 25.35
CA LYS A 152 -3.28 -3.57 25.34
C LYS A 152 -3.65 -2.23 24.72
N ALA A 153 -3.37 -2.07 23.44
CA ALA A 153 -3.65 -0.80 22.73
C ALA A 153 -5.17 -0.53 22.70
N VAL A 154 -5.96 -1.58 22.46
CA VAL A 154 -7.41 -1.41 22.39
C VAL A 154 -7.98 -1.01 23.76
N ALA A 155 -7.55 -1.70 24.83
CA ALA A 155 -7.92 -1.33 26.20
C ALA A 155 -7.56 0.13 26.55
N GLN A 156 -6.38 0.55 26.11
CA GLN A 156 -5.90 1.88 26.37
C GLN A 156 -6.79 2.88 25.62
N SER A 157 -7.18 2.54 24.39
CA SER A 157 -8.05 3.39 23.60
CA SER A 157 -8.06 3.40 23.60
C SER A 157 -9.45 3.50 24.25
N GLN A 158 -9.93 2.40 24.80
CA GLN A 158 -11.25 2.42 25.48
C GLN A 158 -11.27 3.43 26.63
N GLU A 159 -10.17 3.43 27.39
CA GLU A 159 -10.02 4.33 28.54
C GLU A 159 -9.92 5.78 28.10
N LEU A 160 -9.13 6.05 27.07
CA LEU A 160 -9.04 7.42 26.53
C LEU A 160 -10.42 7.90 26.01
N LEU A 161 -11.16 7.04 25.31
CA LEU A 161 -12.48 7.42 24.78
C LEU A 161 -13.41 7.79 25.94
N LYS A 162 -13.36 6.99 27.01
CA LYS A 162 -14.19 7.28 28.21
C LYS A 162 -13.88 8.64 28.82
N ALA A 163 -12.61 9.01 28.78
CA ALA A 163 -12.13 10.31 29.24
C ALA A 163 -12.35 11.46 28.22
N GLY A 164 -12.93 11.17 27.06
CA GLY A 164 -13.19 12.14 26.03
C GLY A 164 -11.96 12.61 25.27
N LYS A 165 -10.88 11.83 25.38
CA LYS A 165 -9.61 12.13 24.71
CA LYS A 165 -9.61 12.14 24.71
C LYS A 165 -9.56 11.44 23.35
N TYR A 166 -10.40 11.95 22.45
CA TYR A 166 -10.66 11.34 21.14
C TYR A 166 -9.44 11.38 20.23
N TYR A 167 -8.78 12.53 20.12
CA TYR A 167 -7.56 12.60 19.27
C TYR A 167 -6.49 11.58 19.73
N GLU A 168 -6.22 11.55 21.01
CA GLU A 168 -5.26 10.60 21.62
C GLU A 168 -5.66 9.12 21.40
N ALA A 169 -6.93 8.81 21.60
CA ALA A 169 -7.43 7.47 21.34
C ALA A 169 -7.17 7.11 19.86
N ASN A 170 -7.46 8.05 18.97
CA ASN A 170 -7.13 7.87 17.56
C ASN A 170 -5.66 7.47 17.35
N LEU A 171 -4.71 8.16 18.00
CA LEU A 171 -3.28 7.87 17.80
C LEU A 171 -2.87 6.51 18.40
N VAL A 172 -3.47 6.12 19.52
CA VAL A 172 -3.22 4.79 20.09
C VAL A 172 -3.66 3.71 19.10
N LEU A 173 -4.85 3.91 18.52
CA LEU A 173 -5.39 3.00 17.52
C LEU A 173 -4.51 3.00 16.26
N LYS A 174 -4.04 4.17 15.88
CA LYS A 174 -3.09 4.29 14.78
CA LYS A 174 -3.08 4.29 14.76
C LYS A 174 -1.84 3.45 15.04
N GLY A 175 -1.26 3.60 16.23
CA GLY A 175 -0.15 2.76 16.64
C GLY A 175 -0.50 1.27 16.57
N ALA A 176 -1.69 0.88 16.99
CA ALA A 176 -2.10 -0.52 16.85
C ALA A 176 -2.06 -1.00 15.39
N GLU A 177 -2.53 -0.15 14.46
CA GLU A 177 -2.50 -0.50 13.05
C GLU A 177 -1.06 -0.62 12.58
N GLU A 178 -0.23 0.31 13.07
CA GLU A 178 1.20 0.36 12.72
C GLU A 178 2.01 -0.82 13.25
N GLY A 179 1.46 -1.50 14.24
CA GLY A 179 2.02 -2.72 14.83
C GLY A 179 1.82 -3.93 13.98
N ILE A 180 0.99 -3.82 12.93
CA ILE A 180 0.76 -4.96 12.03
C ILE A 180 1.98 -5.08 11.13
N VAL A 181 2.64 -6.23 11.21
CA VAL A 181 3.88 -6.49 10.45
C VAL A 181 3.55 -7.21 9.13
N VAL A 182 4.15 -6.71 8.05
CA VAL A 182 3.95 -7.29 6.73
C VAL A 182 5.08 -8.27 6.46
N ASP A 183 4.72 -9.44 5.96
CA ASP A 183 5.73 -10.46 5.66
C ASP A 183 5.30 -11.12 4.34
N SER A 184 6.17 -11.94 3.81
CA SER A 184 5.84 -12.77 2.65
CA SER A 184 5.85 -12.75 2.64
C SER A 184 6.29 -14.18 2.91
N GLU A 185 5.59 -15.12 2.30
CA GLU A 185 5.95 -16.53 2.44
C GLU A 185 5.59 -17.28 1.17
N LEU A 187 3.97 -20.27 -0.83
CA LEU A 187 2.63 -20.86 -0.62
C LEU A 187 2.62 -22.25 -0.04
N VAL A 188 3.62 -23.02 -0.43
CA VAL A 188 3.82 -24.33 0.14
C VAL A 188 4.54 -24.22 1.49
N ALA B 9 -21.51 -6.12 32.30
CA ALA B 9 -20.36 -6.83 31.65
C ALA B 9 -19.93 -6.12 30.37
N PRO B 10 -18.74 -6.46 29.82
CA PRO B 10 -18.31 -5.88 28.55
C PRO B 10 -19.25 -6.28 27.40
N ALA B 11 -19.33 -5.43 26.38
CA ALA B 11 -20.04 -5.77 25.15
C ALA B 11 -19.43 -7.05 24.55
N ALA B 12 -20.28 -8.06 24.32
CA ALA B 12 -19.91 -9.24 23.53
C ALA B 12 -19.85 -8.86 22.06
N ALA B 13 -19.15 -9.66 21.26
CA ALA B 13 -18.96 -9.30 19.84
C ALA B 13 -20.29 -9.39 19.08
N ALA B 14 -20.53 -8.41 18.22
CA ALA B 14 -21.67 -8.40 17.30
C ALA B 14 -21.14 -7.66 16.10
N THR B 15 -20.08 -8.20 15.51
CA THR B 15 -19.25 -7.45 14.60
C THR B 15 -19.97 -6.99 13.35
N THR B 16 -20.76 -7.89 12.74
CA THR B 16 -21.45 -7.50 11.52
C THR B 16 -22.42 -6.35 11.80
N GLN B 17 -23.16 -6.43 12.90
CA GLN B 17 -24.11 -5.36 13.25
C GLN B 17 -23.39 -4.05 13.56
N VAL B 18 -22.36 -4.11 14.40
CA VAL B 18 -21.60 -2.90 14.77
C VAL B 18 -20.95 -2.23 13.57
N GLN B 19 -20.29 -3.03 12.72
CA GLN B 19 -19.70 -2.48 11.49
C GLN B 19 -20.75 -1.87 10.54
N LYS B 20 -21.89 -2.54 10.38
CA LYS B 20 -22.94 -2.04 9.48
C LYS B 20 -23.48 -0.69 9.96
N GLU B 21 -23.86 -0.64 11.24
CA GLU B 21 -24.46 0.55 11.80
C GLU B 21 -23.48 1.74 11.73
N ALA B 22 -22.21 1.49 12.04
CA ALA B 22 -21.18 2.54 11.93
C ALA B 22 -20.93 2.94 10.49
N ALA B 23 -20.73 1.94 9.61
CA ALA B 23 -20.48 2.27 8.21
C ALA B 23 -21.66 3.02 7.55
N ASP B 24 -22.89 2.62 7.91
CA ASP B 24 -24.06 3.30 7.38
C ASP B 24 -24.04 4.79 7.69
N VAL B 25 -23.70 5.15 8.94
CA VAL B 25 -23.69 6.58 9.30
C VAL B 25 -22.46 7.29 8.71
N LEU B 26 -21.42 6.53 8.40
CA LEU B 26 -20.22 7.06 7.73
C LEU B 26 -20.32 7.13 6.19
N GLN B 27 -21.43 6.69 5.60
CA GLN B 27 -21.56 6.65 4.14
CA GLN B 27 -21.57 6.63 4.14
C GLN B 27 -20.49 5.76 3.49
N VAL B 28 -20.19 4.63 4.14
CA VAL B 28 -19.25 3.63 3.61
C VAL B 28 -20.01 2.31 3.46
N ALA B 29 -19.96 1.73 2.26
CA ALA B 29 -20.69 0.48 2.00
C ALA B 29 -19.85 -0.74 2.41
N VAL B 30 -19.86 -1.07 3.70
CA VAL B 30 -19.11 -2.24 4.21
C VAL B 30 -19.46 -3.54 3.49
N GLN B 31 -20.70 -3.63 2.98
CA GLN B 31 -21.08 -4.78 2.15
C GLN B 31 -20.09 -4.99 0.97
N GLY B 32 -19.68 -3.90 0.37
CA GLY B 32 -18.68 -3.86 -0.68
C GLY B 32 -17.30 -4.31 -0.22
N ALA B 33 -16.86 -3.78 0.92
CA ALA B 33 -15.59 -4.21 1.53
C ALA B 33 -15.62 -5.74 1.75
N ASN B 34 -16.75 -6.24 2.22
CA ASN B 34 -16.91 -7.67 2.49
C ASN B 34 -16.83 -8.53 1.21
N ALA B 35 -17.47 -8.04 0.15
CA ALA B 35 -17.38 -8.71 -1.14
C ALA B 35 -15.95 -8.75 -1.63
N ARG B 37 -13.24 -8.65 0.23
CA ARG B 37 -12.46 -9.55 1.07
C ARG B 37 -12.76 -11.01 0.67
N ASP B 38 -14.02 -11.33 0.39
CA ASP B 38 -14.37 -12.64 -0.20
C ASP B 38 -13.52 -12.94 -1.46
N ILE B 39 -13.40 -11.97 -2.37
CA ILE B 39 -12.65 -12.09 -3.63
C ILE B 39 -11.16 -12.35 -3.33
N GLN B 40 -10.60 -11.56 -2.42
CA GLN B 40 -9.25 -11.74 -1.93
C GLN B 40 -9.04 -13.15 -1.37
N PHE B 41 -9.92 -13.60 -0.50
CA PHE B 41 -9.76 -14.93 0.06
C PHE B 41 -9.96 -16.02 -1.00
N ALA B 42 -10.79 -15.73 -2.00
CA ALA B 42 -11.04 -16.73 -3.06
C ALA B 42 -9.76 -16.97 -3.83
N ARG B 43 -9.03 -15.90 -4.14
CA ARG B 43 -7.76 -16.05 -4.87
C ARG B 43 -6.77 -16.87 -3.99
N LEU B 44 -6.76 -16.56 -2.72
CA LEU B 44 -5.89 -17.26 -1.77
C LEU B 44 -6.23 -18.77 -1.78
N ALA B 45 -7.53 -19.07 -1.70
CA ALA B 45 -8.03 -20.45 -1.65
C ALA B 45 -7.62 -21.23 -2.90
N LEU B 46 -7.72 -20.61 -4.08
CA LEU B 46 -7.35 -21.24 -5.34
C LEU B 46 -5.92 -21.73 -5.26
N PHE B 47 -5.02 -20.86 -4.79
CA PHE B 47 -3.62 -21.23 -4.72
C PHE B 47 -3.21 -22.12 -3.55
N HIS B 48 -4.17 -22.49 -2.70
CA HIS B 48 -3.94 -23.52 -1.70
C HIS B 48 -4.57 -24.87 -2.12
N GLY B 49 -5.01 -24.97 -3.39
CA GLY B 49 -5.69 -26.17 -3.90
C GLY B 49 -7.04 -26.40 -3.21
N GLN B 50 -7.76 -25.30 -2.96
CA GLN B 50 -9.08 -25.31 -2.33
C GLN B 50 -10.16 -24.69 -3.24
N PRO B 51 -10.41 -25.33 -4.39
CA PRO B 51 -11.42 -24.77 -5.31
C PRO B 51 -12.85 -24.72 -4.77
N ASP B 52 -13.21 -25.62 -3.86
CA ASP B 52 -14.57 -25.63 -3.30
C ASP B 52 -14.76 -24.38 -2.44
N SER B 53 -13.74 -24.08 -1.64
CA SER B 53 -13.71 -22.83 -0.85
C SER B 53 -13.77 -21.59 -1.75
N ALA B 54 -12.99 -21.57 -2.83
CA ALA B 54 -13.00 -20.45 -3.77
C ALA B 54 -14.40 -20.24 -4.33
N LYS B 55 -15.09 -21.33 -4.65
CA LYS B 55 -16.48 -21.25 -5.12
C LYS B 55 -17.44 -20.63 -4.09
N LYS B 56 -17.36 -21.09 -2.84
CA LYS B 56 -18.19 -20.56 -1.75
C LYS B 56 -17.96 -19.05 -1.54
N LEU B 57 -16.70 -18.67 -1.58
CA LEU B 57 -16.34 -17.25 -1.38
C LEU B 57 -16.80 -16.38 -2.55
N THR B 58 -16.57 -16.86 -3.77
CA THR B 58 -16.96 -16.12 -4.97
C THR B 58 -18.50 -16.01 -5.06
N ASP B 59 -19.18 -17.09 -4.68
CA ASP B 59 -20.65 -17.11 -4.59
C ASP B 59 -21.14 -16.11 -3.53
N ASP B 60 -20.41 -15.99 -2.43
CA ASP B 60 -20.80 -15.05 -1.39
C ASP B 60 -20.64 -13.61 -1.90
N ALA B 61 -19.54 -13.34 -2.57
CA ALA B 61 -19.35 -12.01 -3.20
C ALA B 61 -20.48 -11.65 -4.15
N ALA B 62 -20.86 -12.60 -5.00
CA ALA B 62 -21.97 -12.44 -5.94
C ALA B 62 -23.27 -12.08 -5.21
N ALA B 63 -23.52 -12.79 -4.11
CA ALA B 63 -24.72 -12.57 -3.31
C ALA B 63 -24.71 -11.17 -2.69
N LEU B 64 -23.58 -10.76 -2.11
CA LEU B 64 -23.45 -9.42 -1.54
C LEU B 64 -23.65 -8.33 -2.59
N LEU B 65 -22.98 -8.46 -3.75
CA LEU B 65 -23.09 -7.49 -4.84
C LEU B 65 -24.49 -7.46 -5.49
N ALA B 66 -25.25 -8.54 -5.34
CA ALA B 66 -26.61 -8.61 -5.91
C ALA B 66 -27.66 -7.78 -5.17
N ALA B 67 -27.30 -7.23 -4.02
CA ALA B 67 -28.14 -6.26 -3.29
C ALA B 67 -28.62 -5.17 -4.26
N ASP B 68 -29.85 -4.71 -4.08
CA ASP B 68 -30.47 -3.90 -5.13
C ASP B 68 -29.84 -2.54 -5.24
N ASP B 69 -29.97 -1.96 -6.42
CA ASP B 69 -29.29 -0.74 -6.82
C ASP B 69 -29.67 0.42 -5.90
N ALA B 70 -30.94 0.42 -5.49
CA ALA B 70 -31.43 1.42 -4.54
C ALA B 70 -30.63 1.39 -3.25
N SER B 71 -30.31 0.19 -2.75
CA SER B 71 -29.57 0.04 -1.50
C SER B 71 -28.10 0.55 -1.61
N TRP B 72 -27.51 0.45 -2.80
CA TRP B 72 -26.13 0.91 -3.04
C TRP B 72 -26.10 2.43 -3.20
N ALA B 73 -27.24 3.03 -3.55
CA ALA B 73 -27.29 4.44 -4.01
C ALA B 73 -26.76 5.47 -3.04
N LYS B 74 -27.00 5.28 -1.73
CA LYS B 74 -26.54 6.26 -0.74
C LYS B 74 -25.04 6.23 -0.59
N PHE B 75 -24.41 5.19 -1.14
CA PHE B 75 -22.94 5.06 -1.05
C PHE B 75 -22.23 5.36 -2.36
N VAL B 76 -22.97 5.70 -3.41
CA VAL B 76 -22.39 6.05 -4.69
C VAL B 76 -21.73 7.43 -4.63
N LYS B 77 -20.45 7.51 -5.05
CA LYS B 77 -19.76 8.77 -5.17
C LYS B 77 -20.20 9.41 -6.47
N THR B 78 -21.23 10.25 -6.42
CA THR B 78 -21.86 10.69 -7.65
C THR B 78 -20.90 11.58 -8.44
N ASP B 79 -20.01 12.28 -7.74
CA ASP B 79 -19.09 13.21 -8.40
C ASP B 79 -17.67 12.67 -8.47
N ALA B 80 -17.54 11.34 -8.56
CA ALA B 80 -16.21 10.72 -8.73
C ALA B 80 -15.58 11.23 -10.03
N LYS B 81 -14.33 11.71 -9.93
CA LYS B 81 -13.63 12.32 -11.07
C LYS B 81 -12.68 11.35 -11.81
N ALA B 82 -12.19 10.33 -11.12
CA ALA B 82 -11.21 9.40 -11.69
C ALA B 82 -11.79 7.99 -11.93
N LYS B 83 -12.63 7.88 -12.95
CA LYS B 83 -13.21 6.60 -13.30
C LYS B 83 -12.39 5.86 -14.37
N ILE B 85 -13.89 3.28 -16.01
CA ILE B 85 -14.97 2.93 -16.93
C ILE B 85 -16.20 3.71 -16.47
N ALA B 86 -17.17 3.90 -17.36
CA ALA B 86 -18.46 4.49 -17.01
C ALA B 86 -19.23 3.53 -16.13
N ASP B 87 -19.38 3.91 -14.88
CA ASP B 87 -20.02 3.04 -13.90
C ASP B 87 -20.40 3.89 -12.69
N ARG B 88 -21.23 3.31 -11.83
CA ARG B 88 -21.48 3.87 -10.51
C ARG B 88 -20.40 3.43 -9.58
N TYR B 89 -19.57 4.36 -9.13
CA TYR B 89 -18.54 3.98 -8.17
C TYR B 89 -19.03 4.15 -6.72
N VAL B 90 -19.02 3.06 -5.99
CA VAL B 90 -19.47 3.02 -4.62
C VAL B 90 -18.30 3.18 -3.65
N ILE B 91 -18.48 4.01 -2.63
CA ILE B 91 -17.48 4.12 -1.56
C ILE B 91 -17.67 2.88 -0.69
N ILE B 92 -16.74 1.93 -0.79
CA ILE B 92 -16.87 0.64 -0.11
C ILE B 92 -15.95 0.53 1.10
N ASN B 93 -15.01 1.46 1.23
CA ASN B 93 -14.06 1.43 2.35
C ASN B 93 -13.43 2.83 2.42
N ALA B 94 -12.94 3.16 3.60
CA ALA B 94 -12.33 4.45 3.85
C ALA B 94 -11.48 4.35 5.09
N SER B 95 -10.45 5.15 5.14
CA SER B 95 -9.56 5.17 6.31
C SER B 95 -9.01 6.55 6.52
N ILE B 96 -8.55 6.79 7.74
CA ILE B 96 -7.93 8.09 8.07
C ILE B 96 -6.44 8.19 7.62
N ALA B 97 -6.15 9.29 6.95
CA ALA B 97 -4.79 9.71 6.63
C ALA B 97 -4.49 10.89 7.57
N LEU B 98 -3.44 10.76 8.36
CA LEU B 98 -3.10 11.76 9.37
C LEU B 98 -1.62 12.09 9.36
N SER B 99 -1.32 13.36 9.50
CA SER B 99 0.06 13.87 9.55
C SER B 99 0.22 14.96 10.61
N GLU B 100 1.21 14.75 11.49
CA GLU B 100 1.67 15.78 12.40
C GLU B 100 3.12 15.53 12.71
N ASP B 101 3.74 16.42 13.48
CA ASP B 101 5.20 16.32 13.76
C ASP B 101 5.52 15.54 15.04
N TYR B 102 4.50 15.26 15.83
CA TYR B 102 4.63 14.46 17.07
C TYR B 102 5.42 15.15 18.19
N VAL B 103 5.68 16.45 18.01
CA VAL B 103 6.29 17.31 19.02
C VAL B 103 5.22 18.08 19.75
N ALA B 104 5.11 17.84 21.07
CA ALA B 104 4.11 18.50 21.89
C ALA B 104 4.48 19.96 22.10
N THR B 105 3.50 20.83 22.01
CA THR B 105 3.63 22.22 22.40
C THR B 105 2.39 22.68 23.12
N PRO B 106 2.49 23.74 23.95
CA PRO B 106 1.23 24.23 24.54
C PRO B 106 0.12 24.56 23.53
N GLU B 107 0.48 25.19 22.42
CA GLU B 107 -0.49 25.51 21.36
C GLU B 107 -1.17 24.25 20.79
N LYS B 108 -0.39 23.22 20.48
CA LYS B 108 -0.99 21.98 19.97
CA LYS B 108 -0.96 21.95 19.98
C LYS B 108 -1.84 21.29 21.02
N GLU B 109 -1.35 21.26 22.27
CA GLU B 109 -2.11 20.62 23.35
C GLU B 109 -3.45 21.29 23.52
N SER B 110 -3.45 22.62 23.48
CA SER B 110 -4.69 23.39 23.58
CA SER B 110 -4.70 23.37 23.58
C SER B 110 -5.64 23.09 22.41
N ALA B 111 -5.07 23.03 21.20
CA ALA B 111 -5.86 22.75 20.02
C ALA B 111 -6.46 21.37 20.07
N ILE B 112 -5.67 20.39 20.53
CA ILE B 112 -6.17 19.02 20.68
C ILE B 112 -7.34 18.97 21.69
N GLN B 113 -7.22 19.69 22.79
CA GLN B 113 -8.25 19.70 23.81
C GLN B 113 -9.51 20.31 23.23
N SER B 114 -9.33 21.39 22.48
CA SER B 114 -10.46 22.08 21.86
C SER B 114 -11.12 21.20 20.81
N ALA B 115 -10.32 20.54 19.98
CA ALA B 115 -10.86 19.58 19.00
C ALA B 115 -11.66 18.45 19.64
N ASN B 116 -11.16 17.93 20.74
CA ASN B 116 -11.84 16.86 21.48
C ASN B 116 -13.20 17.31 21.98
N GLU B 117 -13.24 18.52 22.52
CA GLU B 117 -14.50 19.10 23.03
C GLU B 117 -15.50 19.26 21.88
N LYS B 118 -15.03 19.74 20.74
CA LYS B 118 -15.87 19.91 19.56
CA LYS B 118 -15.87 19.91 19.55
C LYS B 118 -16.38 18.57 19.01
N LEU B 119 -15.52 17.56 18.96
CA LEU B 119 -15.93 16.21 18.51
C LEU B 119 -16.97 15.61 19.46
N ALA B 120 -16.87 15.92 20.75
CA ALA B 120 -17.85 15.44 21.76
C ALA B 120 -19.24 15.91 21.40
N LYS B 121 -19.31 17.08 20.77
CA LYS B 121 -20.59 17.67 20.35
C LYS B 121 -20.94 17.40 18.88
N GLY B 122 -20.22 16.46 18.24
CA GLY B 122 -20.46 16.19 16.85
C GLY B 122 -20.03 17.26 15.86
N ASP B 123 -19.26 18.24 16.34
CA ASP B 123 -18.82 19.37 15.51
C ASP B 123 -17.58 18.96 14.74
N GLN B 124 -17.77 18.12 13.74
CA GLN B 124 -16.67 17.70 12.86
C GLN B 124 -15.91 18.90 12.25
N LYS B 125 -16.61 19.87 11.68
CA LYS B 125 -15.92 20.95 10.98
C LYS B 125 -15.00 21.71 11.91
N GLY B 126 -15.51 22.12 13.06
CA GLY B 126 -14.71 22.90 14.01
C GLY B 126 -13.50 22.14 14.48
N ALA B 127 -13.68 20.85 14.73
CA ALA B 127 -12.59 19.99 15.18
C ALA B 127 -11.49 19.90 14.12
N ILE B 128 -11.88 19.61 12.89
CA ILE B 128 -10.89 19.42 11.86
C ILE B 128 -10.14 20.71 11.55
N ASP B 129 -10.86 21.83 11.51
CA ASP B 129 -10.22 23.16 11.34
C ASP B 129 -9.22 23.49 12.45
N THR B 130 -9.66 23.28 13.68
CA THR B 130 -8.85 23.47 14.86
C THR B 130 -7.55 22.67 14.79
N LEU B 131 -7.66 21.38 14.48
CA LEU B 131 -6.45 20.57 14.32
C LEU B 131 -5.58 21.07 13.16
N ARG B 132 -6.20 21.33 12.02
CA ARG B 132 -5.46 21.76 10.84
C ARG B 132 -4.62 23.02 11.13
N LEU B 133 -5.22 24.00 11.80
CA LEU B 133 -4.54 25.26 12.05
C LEU B 133 -3.41 25.14 13.08
N ALA B 134 -3.44 24.05 13.86
CA ALA B 134 -2.34 23.68 14.75
C ALA B 134 -1.30 22.76 14.14
N GLY B 135 -1.42 22.48 12.84
CA GLY B 135 -0.47 21.65 12.12
C GLY B 135 -0.70 20.16 12.21
N ILE B 136 -1.95 19.79 12.51
CA ILE B 136 -2.37 18.41 12.48
C ILE B 136 -3.33 18.18 11.33
N GLY B 137 -2.87 17.46 10.31
CA GLY B 137 -3.63 17.21 9.09
C GLY B 137 -4.35 15.89 9.16
N VAL B 138 -5.62 15.90 8.76
CA VAL B 138 -6.45 14.70 8.82
C VAL B 138 -7.42 14.73 7.63
N ILE B 139 -7.29 13.75 6.76
CA ILE B 139 -8.24 13.55 5.65
C ILE B 139 -8.64 12.07 5.58
N GLU B 140 -9.47 11.75 4.58
CA GLU B 140 -9.97 10.39 4.38
C GLU B 140 -9.44 9.82 3.06
N ASN B 141 -8.91 8.62 3.08
CA ASN B 141 -8.65 7.84 1.88
C ASN B 141 -9.90 7.02 1.61
N GLN B 142 -10.43 7.10 0.39
CA GLN B 142 -11.64 6.37 0.01
C GLN B 142 -11.31 5.32 -1.07
N TYR B 143 -12.02 4.20 -1.01
CA TYR B 143 -11.85 3.08 -1.90
C TYR B 143 -13.13 2.93 -2.68
N LEU B 144 -13.06 3.10 -4.00
CA LEU B 144 -14.23 3.23 -4.88
C LEU B 144 -14.35 2.01 -5.80
N PRO B 146 -16.45 0.00 -8.81
CA PRO B 146 -17.43 0.13 -9.89
C PRO B 146 -18.44 -0.98 -9.75
N LEU B 147 -19.69 -0.62 -9.48
CA LEU B 147 -20.68 -1.63 -9.12
C LEU B 147 -20.98 -2.67 -10.22
N ASN B 148 -21.36 -2.19 -11.41
CA ASN B 148 -21.73 -3.11 -12.48
CA ASN B 148 -21.73 -3.09 -12.54
C ASN B 148 -20.53 -3.92 -12.96
N GLN B 149 -19.39 -3.26 -13.09
CA GLN B 149 -18.19 -3.96 -13.54
C GLN B 149 -17.75 -5.04 -12.55
N THR B 150 -17.88 -4.76 -11.25
CA THR B 150 -17.48 -5.77 -10.27
C THR B 150 -18.46 -6.97 -10.27
N ARG B 151 -19.76 -6.70 -10.40
CA ARG B 151 -20.75 -7.76 -10.55
C ARG B 151 -20.36 -8.65 -11.73
N LYS B 152 -20.02 -8.00 -12.84
CA LYS B 152 -19.64 -8.68 -14.11
CA LYS B 152 -19.65 -8.70 -14.08
C LYS B 152 -18.41 -9.59 -13.91
N ALA B 153 -17.37 -9.04 -13.28
CA ALA B 153 -16.15 -9.78 -13.06
C ALA B 153 -16.38 -10.98 -12.16
N VAL B 154 -17.20 -10.83 -11.13
CA VAL B 154 -17.51 -11.96 -10.25
C VAL B 154 -18.28 -13.09 -11.00
N ALA B 155 -19.32 -12.72 -11.74
CA ALA B 155 -20.04 -13.71 -12.57
C ALA B 155 -19.10 -14.44 -13.54
N GLN B 156 -18.21 -13.70 -14.19
CA GLN B 156 -17.24 -14.23 -15.15
C GLN B 156 -16.31 -15.21 -14.45
N SER B 157 -15.84 -14.83 -13.26
CA SER B 157 -15.03 -15.73 -12.45
CA SER B 157 -15.01 -15.72 -12.46
C SER B 157 -15.78 -16.98 -12.04
N GLN B 158 -17.05 -16.82 -11.67
CA GLN B 158 -17.88 -18.00 -11.33
C GLN B 158 -17.92 -19.01 -12.46
N GLU B 159 -18.06 -18.54 -13.68
CA GLU B 159 -18.13 -19.45 -14.84
C GLU B 159 -16.79 -20.14 -15.05
N LEU B 160 -15.71 -19.39 -14.89
CA LEU B 160 -14.38 -19.95 -15.09
C LEU B 160 -14.13 -21.02 -14.08
N LEU B 161 -14.51 -20.76 -12.84
CA LEU B 161 -14.34 -21.78 -11.80
C LEU B 161 -15.16 -23.05 -12.12
N LYS B 162 -16.37 -22.89 -12.62
CA LYS B 162 -17.18 -24.05 -13.01
CA LYS B 162 -17.20 -24.05 -13.03
C LYS B 162 -16.48 -24.89 -14.08
N ALA B 163 -15.73 -24.20 -14.96
CA ALA B 163 -14.97 -24.79 -16.05
C ALA B 163 -13.60 -25.33 -15.61
N GLY B 164 -13.28 -25.23 -14.31
CA GLY B 164 -11.96 -25.62 -13.83
C GLY B 164 -10.80 -24.75 -14.26
N LYS B 165 -11.09 -23.55 -14.78
CA LYS B 165 -10.08 -22.59 -15.22
CA LYS B 165 -10.07 -22.59 -15.21
C LYS B 165 -9.68 -21.70 -14.04
N TYR B 166 -9.00 -22.32 -13.07
CA TYR B 166 -8.67 -21.67 -11.81
C TYR B 166 -7.70 -20.49 -11.92
N TYR B 167 -6.61 -20.66 -12.66
CA TYR B 167 -5.64 -19.59 -12.85
C TYR B 167 -6.35 -18.37 -13.47
N GLU B 168 -7.13 -18.65 -14.51
CA GLU B 168 -7.82 -17.62 -15.26
C GLU B 168 -8.83 -16.88 -14.35
N ALA B 169 -9.61 -17.65 -13.58
CA ALA B 169 -10.53 -17.06 -12.59
C ALA B 169 -9.76 -16.14 -11.63
N ASN B 170 -8.62 -16.62 -11.14
CA ASN B 170 -7.74 -15.80 -10.31
C ASN B 170 -7.45 -14.43 -10.93
N LEU B 171 -7.08 -14.42 -12.21
CA LEU B 171 -6.73 -13.18 -12.91
C LEU B 171 -7.94 -12.26 -13.14
N VAL B 172 -9.10 -12.83 -13.40
CA VAL B 172 -10.30 -12.01 -13.52
C VAL B 172 -10.56 -11.32 -12.17
N LEU B 173 -10.43 -12.07 -11.08
CA LEU B 173 -10.61 -11.52 -9.73
C LEU B 173 -9.55 -10.46 -9.38
N LYS B 174 -8.32 -10.71 -9.80
CA LYS B 174 -7.22 -9.75 -9.67
CA LYS B 174 -7.25 -9.75 -9.65
C LYS B 174 -7.59 -8.45 -10.39
N GLY B 175 -8.15 -8.57 -11.59
CA GLY B 175 -8.61 -7.41 -12.33
C GLY B 175 -9.71 -6.69 -11.57
N ALA B 176 -10.62 -7.43 -10.93
CA ALA B 176 -11.68 -6.82 -10.12
C ALA B 176 -11.04 -6.00 -9.00
N GLU B 177 -10.06 -6.56 -8.33
CA GLU B 177 -9.34 -5.86 -7.29
C GLU B 177 -8.61 -4.61 -7.80
N GLU B 178 -8.03 -4.71 -9.00
CA GLU B 178 -7.35 -3.58 -9.63
C GLU B 178 -8.27 -2.48 -10.11
N GLY B 179 -9.57 -2.78 -10.21
CA GLY B 179 -10.60 -1.81 -10.55
C GLY B 179 -11.05 -0.91 -9.40
N ILE B 180 -10.61 -1.20 -8.17
CA ILE B 180 -10.89 -0.34 -7.02
C ILE B 180 -9.99 0.88 -7.15
N VAL B 181 -10.61 2.04 -7.17
CA VAL B 181 -9.93 3.32 -7.32
C VAL B 181 -9.76 3.94 -5.95
N VAL B 182 -8.54 4.41 -5.70
CA VAL B 182 -8.23 5.07 -4.43
C VAL B 182 -8.27 6.58 -4.63
N ASP B 183 -8.95 7.28 -3.73
CA ASP B 183 -9.06 8.69 -3.85
C ASP B 183 -8.89 9.24 -2.43
C ASP B 183 -9.28 9.37 -2.49
N SER B 184 -8.72 10.54 -2.33
CA SER B 184 -8.75 11.16 -1.03
CA SER B 184 -8.73 11.18 -1.04
C SER B 184 -9.85 12.21 -0.98
N GLU B 185 -10.41 12.42 0.20
CA GLU B 185 -11.45 13.41 0.38
C GLU B 185 -11.30 14.14 1.68
N LEU B 187 -12.60 15.58 5.15
CA LEU B 187 -13.50 14.90 6.08
C LEU B 187 -14.93 15.45 6.07
N VAL B 188 -15.02 16.77 5.93
CA VAL B 188 -16.28 17.49 6.05
C VAL B 188 -17.14 17.34 4.79
N ALA C 14 23.10 7.35 -17.33
CA ALA C 14 22.67 8.79 -17.36
C ALA C 14 21.30 8.94 -16.64
N THR C 15 21.12 8.25 -15.53
CA THR C 15 19.79 8.13 -14.91
C THR C 15 19.18 9.47 -14.51
N THR C 16 19.98 10.32 -13.87
CA THR C 16 19.45 11.60 -13.40
C THR C 16 18.90 12.39 -14.57
N GLN C 17 19.66 12.46 -15.66
CA GLN C 17 19.21 13.18 -16.84
C GLN C 17 17.98 12.55 -17.47
N VAL C 18 17.99 11.23 -17.64
CA VAL C 18 16.88 10.54 -18.26
C VAL C 18 15.59 10.72 -17.46
N GLN C 19 15.69 10.56 -16.14
CA GLN C 19 14.51 10.73 -15.29
C GLN C 19 13.99 12.16 -15.29
N LYS C 20 14.87 13.15 -15.25
CA LYS C 20 14.46 14.57 -15.27
CA LYS C 20 14.47 14.55 -15.26
CA LYS C 20 14.42 14.54 -15.23
C LYS C 20 13.71 14.93 -16.54
N GLU C 21 14.29 14.54 -17.69
CA GLU C 21 13.68 14.86 -18.96
CA GLU C 21 13.68 14.84 -18.98
C GLU C 21 12.32 14.17 -19.08
N ALA C 22 12.25 12.90 -18.69
CA ALA C 22 10.98 12.17 -18.76
C ALA C 22 9.92 12.75 -17.81
N ALA C 23 10.31 13.01 -16.57
CA ALA C 23 9.39 13.52 -15.56
C ALA C 23 8.91 14.94 -15.91
N ASP C 24 9.80 15.77 -16.45
CA ASP C 24 9.40 17.11 -16.88
C ASP C 24 8.23 17.06 -17.86
N VAL C 25 8.29 16.18 -18.85
CA VAL C 25 7.20 16.11 -19.85
C VAL C 25 5.98 15.34 -19.34
N LEU C 26 6.12 14.64 -18.22
CA LEU C 26 4.99 14.00 -17.55
C LEU C 26 4.36 14.87 -16.44
N GLN C 27 4.92 16.06 -16.21
CA GLN C 27 4.42 16.96 -15.18
CA GLN C 27 4.47 16.97 -15.17
C GLN C 27 4.54 16.33 -13.77
N VAL C 28 5.63 15.58 -13.56
CA VAL C 28 5.98 14.96 -12.26
C VAL C 28 7.27 15.59 -11.78
N ALA C 29 7.28 16.07 -10.52
CA ALA C 29 8.48 16.70 -9.98
C ALA C 29 9.34 15.62 -9.33
N VAL C 30 10.19 14.97 -10.15
CA VAL C 30 11.09 13.94 -9.63
C VAL C 30 12.02 14.51 -8.57
N GLN C 31 12.27 15.82 -8.60
CA GLN C 31 13.05 16.47 -7.55
C GLN C 31 12.39 16.30 -6.19
N GLY C 32 11.06 16.33 -6.19
CA GLY C 32 10.25 16.06 -5.01
C GLY C 32 10.32 14.62 -4.56
N ALA C 33 10.17 13.70 -5.51
CA ALA C 33 10.37 12.26 -5.22
C ALA C 33 11.78 12.04 -4.58
N ASN C 34 12.79 12.68 -5.12
CA ASN C 34 14.13 12.54 -4.56
C ASN C 34 14.28 13.10 -3.14
N ALA C 35 13.68 14.25 -2.87
CA ALA C 35 13.66 14.80 -1.53
C ALA C 35 12.98 13.83 -0.58
N ARG C 37 12.68 10.55 -0.95
CA ARG C 37 13.58 9.39 -0.77
C ARG C 37 14.75 9.75 0.16
N ASP C 38 15.30 10.97 0.07
CA ASP C 38 16.31 11.44 1.03
C ASP C 38 15.77 11.30 2.47
N ILE C 39 14.52 11.74 2.68
CA ILE C 39 13.84 11.66 3.97
C ILE C 39 13.67 10.21 4.43
N GLN C 40 13.20 9.39 3.51
CA GLN C 40 13.07 7.95 3.78
C GLN C 40 14.40 7.30 4.24
N PHE C 41 15.47 7.53 3.46
CA PHE C 41 16.79 7.06 3.80
C PHE C 41 17.34 7.65 5.11
N ALA C 42 17.02 8.91 5.40
CA ALA C 42 17.45 9.52 6.66
C ALA C 42 16.90 8.78 7.86
N ARG C 43 15.63 8.38 7.78
CA ARG C 43 15.02 7.67 8.89
C ARG C 43 15.71 6.31 9.07
N LEU C 44 15.96 5.64 7.95
CA LEU C 44 16.74 4.39 7.99
C LEU C 44 18.08 4.58 8.64
N ALA C 45 18.80 5.61 8.17
CA ALA C 45 20.16 5.90 8.63
C ALA C 45 20.16 6.10 10.13
N LEU C 46 19.22 6.89 10.66
CA LEU C 46 19.16 7.15 12.09
C LEU C 46 19.12 5.85 12.86
N PHE C 47 18.26 4.93 12.45
CA PHE C 47 18.08 3.67 13.20
C PHE C 47 19.15 2.63 12.92
N HIS C 48 20.08 2.92 12.02
CA HIS C 48 21.26 2.11 11.88
C HIS C 48 22.45 2.75 12.62
N GLY C 49 22.18 3.75 13.45
CA GLY C 49 23.27 4.47 14.11
C GLY C 49 24.20 5.22 13.17
N GLN C 50 23.61 5.83 12.15
CA GLN C 50 24.33 6.63 11.14
C GLN C 50 23.83 8.07 11.13
N PRO C 51 24.06 8.80 12.24
CA PRO C 51 23.60 10.18 12.31
C PRO C 51 24.27 11.11 11.29
N ASP C 52 25.54 10.88 10.94
CA ASP C 52 26.19 11.77 9.97
C ASP C 52 25.52 11.59 8.60
N SER C 53 25.17 10.35 8.27
CA SER C 53 24.45 10.07 7.02
C SER C 53 23.05 10.72 7.06
N ALA C 54 22.34 10.58 8.18
CA ALA C 54 21.01 11.21 8.31
C ALA C 54 21.11 12.72 8.06
N LYS C 55 22.17 13.35 8.59
CA LYS C 55 22.42 14.76 8.34
C LYS C 55 22.61 15.08 6.85
N LYS C 56 23.47 14.33 6.19
CA LYS C 56 23.74 14.54 4.78
C LYS C 56 22.47 14.46 3.93
N LEU C 57 21.65 13.46 4.24
CA LEU C 57 20.40 13.18 3.54
C LEU C 57 19.34 14.24 3.76
N THR C 58 19.19 14.66 5.00
CA THR C 58 18.24 15.71 5.35
CA THR C 58 18.24 15.71 5.37
C THR C 58 18.69 17.07 4.80
N ASP C 59 20.00 17.34 4.79
CA ASP C 59 20.53 18.57 4.17
C ASP C 59 20.26 18.57 2.66
N ASP C 60 20.36 17.40 2.04
CA ASP C 60 20.09 17.26 0.62
C ASP C 60 18.60 17.48 0.33
N ALA C 61 17.72 16.92 1.16
CA ALA C 61 16.26 17.19 1.06
C ALA C 61 15.98 18.70 1.13
N ALA C 62 16.61 19.38 2.09
CA ALA C 62 16.46 20.83 2.30
C ALA C 62 16.91 21.60 1.05
N ALA C 63 18.05 21.20 0.47
CA ALA C 63 18.56 21.85 -0.73
C ALA C 63 17.60 21.67 -1.90
N LEU C 64 17.11 20.46 -2.12
CA LEU C 64 16.18 20.21 -3.24
C LEU C 64 14.90 21.04 -3.09
N LEU C 65 14.38 21.07 -1.87
CA LEU C 65 13.13 21.76 -1.55
C LEU C 65 13.25 23.28 -1.63
N ALA C 66 14.48 23.79 -1.46
CA ALA C 66 14.77 25.23 -1.54
C ALA C 66 14.75 25.78 -2.97
N ALA C 67 14.65 24.93 -3.98
CA ALA C 67 14.44 25.35 -5.36
C ALA C 67 13.29 26.36 -5.38
N ASP C 68 13.39 27.37 -6.24
CA ASP C 68 12.40 28.44 -6.15
C ASP C 68 10.98 28.04 -6.53
N ASP C 69 10.06 28.85 -6.02
CA ASP C 69 8.65 28.65 -6.22
C ASP C 69 8.25 28.59 -7.71
N ALA C 70 8.92 29.38 -8.56
CA ALA C 70 8.68 29.34 -9.99
C ALA C 70 8.97 27.98 -10.61
N SER C 71 10.05 27.34 -10.15
CA SER C 71 10.44 26.02 -10.66
C SER C 71 9.47 24.94 -10.17
N TRP C 72 9.04 25.03 -8.94
CA TRP C 72 8.04 24.07 -8.44
C TRP C 72 6.68 24.26 -9.13
N ALA C 73 6.36 25.48 -9.53
CA ALA C 73 5.02 25.82 -10.03
C ALA C 73 4.57 24.95 -11.19
N LYS C 74 5.50 24.59 -12.07
CA LYS C 74 5.21 23.71 -13.20
C LYS C 74 4.48 22.43 -12.81
N PHE C 75 4.73 22.00 -11.59
CA PHE C 75 4.30 20.69 -11.10
C PHE C 75 3.20 20.77 -10.03
N VAL C 76 2.76 21.97 -9.69
CA VAL C 76 1.72 22.15 -8.68
C VAL C 76 0.36 21.75 -9.25
N LYS C 77 -0.36 20.95 -8.49
CA LYS C 77 -1.68 20.49 -8.85
C LYS C 77 -2.72 21.56 -8.50
N THR C 78 -3.52 21.94 -9.49
CA THR C 78 -4.49 23.03 -9.32
C THR C 78 -5.89 22.53 -9.07
N ASP C 79 -6.09 21.23 -9.20
CA ASP C 79 -7.40 20.62 -9.01
C ASP C 79 -7.47 19.59 -7.89
N ALA C 80 -6.63 19.72 -6.86
CA ALA C 80 -6.62 18.78 -5.74
C ALA C 80 -7.91 18.95 -4.93
N LYS C 81 -8.74 17.90 -4.86
CA LYS C 81 -9.99 17.97 -4.07
C LYS C 81 -9.77 17.84 -2.55
N ALA C 82 -8.62 17.29 -2.17
CA ALA C 82 -8.28 17.04 -0.77
C ALA C 82 -6.87 17.54 -0.49
N LYS C 83 -6.79 18.33 0.57
CA LYS C 83 -5.58 18.85 1.14
C LYS C 83 -5.68 18.73 2.67
N ILE C 85 -3.48 20.61 4.67
CA ILE C 85 -2.98 21.92 5.10
CA ILE C 85 -3.15 21.96 5.11
C ILE C 85 -3.20 22.90 3.93
N ALA C 86 -3.39 24.20 4.23
CA ALA C 86 -3.46 25.22 3.20
C ALA C 86 -2.04 25.40 2.66
N ASP C 87 -1.80 24.86 1.50
CA ASP C 87 -0.45 24.83 0.92
C ASP C 87 -0.57 24.54 -0.56
N ARG C 88 0.54 24.71 -1.28
CA ARG C 88 0.68 24.27 -2.67
C ARG C 88 1.07 22.79 -2.67
N TYR C 89 0.27 21.99 -3.33
CA TYR C 89 0.55 20.56 -3.44
C TYR C 89 1.17 20.28 -4.80
N VAL C 90 2.39 19.75 -4.75
CA VAL C 90 3.15 19.36 -5.92
C VAL C 90 2.96 17.89 -6.26
N ILE C 91 2.75 17.57 -7.52
CA ILE C 91 2.73 16.18 -7.96
C ILE C 91 4.20 15.77 -8.04
N ILE C 92 4.64 15.02 -7.03
CA ILE C 92 6.04 14.59 -6.93
C ILE C 92 6.24 13.15 -7.42
N ASN C 93 5.15 12.45 -7.69
CA ASN C 93 5.24 11.09 -8.17
C ASN C 93 3.90 10.68 -8.71
N ALA C 94 3.92 9.69 -9.59
CA ALA C 94 2.69 9.19 -10.20
C ALA C 94 2.96 7.81 -10.76
N SER C 95 1.90 7.04 -10.91
CA SER C 95 2.03 5.69 -11.46
C SER C 95 0.74 5.27 -12.13
N ILE C 96 0.85 4.28 -13.00
CA ILE C 96 -0.32 3.75 -13.71
C ILE C 96 -1.13 2.79 -12.86
N ALA C 97 -2.42 3.04 -12.79
CA ALA C 97 -3.39 2.10 -12.23
C ALA C 97 -4.08 1.47 -13.44
N LEU C 98 -4.07 0.13 -13.50
CA LEU C 98 -4.59 -0.58 -14.66
C LEU C 98 -5.44 -1.77 -14.22
N SER C 99 -6.60 -1.96 -14.88
CA SER C 99 -7.51 -3.06 -14.64
C SER C 99 -8.01 -3.68 -15.94
N GLU C 100 -7.82 -4.99 -16.09
CA GLU C 100 -8.52 -5.75 -17.12
C GLU C 100 -8.71 -7.18 -16.63
N ASP C 101 -9.39 -7.99 -17.44
CA ASP C 101 -9.69 -9.38 -17.05
C ASP C 101 -8.63 -10.41 -17.43
N TYR C 102 -7.66 -9.98 -18.25
CA TYR C 102 -6.55 -10.84 -18.69
C TYR C 102 -6.96 -12.01 -19.58
N VAL C 103 -8.21 -12.00 -20.08
CA VAL C 103 -8.71 -13.01 -21.02
C VAL C 103 -8.62 -12.40 -22.40
N ALA C 104 -7.83 -13.02 -23.28
CA ALA C 104 -7.67 -12.51 -24.65
C ALA C 104 -8.92 -12.76 -25.47
N THR C 105 -9.30 -11.76 -26.25
CA THR C 105 -10.37 -11.89 -27.25
C THR C 105 -9.94 -11.12 -28.47
N PRO C 106 -10.49 -11.46 -29.65
CA PRO C 106 -10.21 -10.67 -30.84
C PRO C 106 -10.60 -9.18 -30.68
N GLU C 107 -11.73 -8.92 -30.02
CA GLU C 107 -12.18 -7.53 -29.84
C GLU C 107 -11.16 -6.74 -29.01
N LYS C 108 -10.68 -7.35 -27.92
CA LYS C 108 -9.65 -6.71 -27.09
CA LYS C 108 -9.67 -6.69 -27.09
C LYS C 108 -8.34 -6.54 -27.82
N GLU C 109 -7.91 -7.59 -28.53
CA GLU C 109 -6.66 -7.52 -29.29
C GLU C 109 -6.70 -6.40 -30.34
N SER C 110 -7.84 -6.26 -31.02
CA SER C 110 -7.96 -5.17 -32.01
C SER C 110 -7.91 -3.81 -31.36
N ALA C 111 -8.55 -3.69 -30.19
CA ALA C 111 -8.56 -2.44 -29.42
C ALA C 111 -7.15 -2.07 -28.98
N ILE C 112 -6.41 -3.09 -28.54
CA ILE C 112 -5.00 -2.92 -28.16
C ILE C 112 -4.15 -2.46 -29.33
N GLN C 113 -4.31 -3.13 -30.49
CA GLN C 113 -3.58 -2.71 -31.68
CA GLN C 113 -3.60 -2.72 -31.70
C GLN C 113 -3.90 -1.26 -32.06
N SER C 114 -5.17 -0.91 -31.99
CA SER C 114 -5.59 0.46 -32.30
C SER C 114 -5.01 1.46 -31.30
N ALA C 115 -5.11 1.15 -30.01
CA ALA C 115 -4.50 1.98 -28.98
C ALA C 115 -3.00 2.19 -29.18
N ASN C 116 -2.27 1.13 -29.52
CA ASN C 116 -0.84 1.19 -29.78
C ASN C 116 -0.53 2.18 -30.93
N GLU C 117 -1.31 2.08 -32.00
CA GLU C 117 -1.17 2.97 -33.17
C GLU C 117 -1.38 4.42 -32.75
N LYS C 118 -2.41 4.65 -31.95
CA LYS C 118 -2.70 5.96 -31.42
C LYS C 118 -1.61 6.51 -30.50
N LEU C 119 -1.05 5.68 -29.62
CA LEU C 119 0.04 6.14 -28.74
C LEU C 119 1.29 6.48 -29.54
N ALA C 120 1.54 5.72 -30.61
CA ALA C 120 2.72 5.96 -31.46
C ALA C 120 2.70 7.38 -32.03
N LYS C 121 1.51 7.92 -32.26
CA LYS C 121 1.34 9.26 -32.84
C LYS C 121 1.06 10.32 -31.76
N GLY C 122 1.16 9.93 -30.48
CA GLY C 122 0.91 10.86 -29.39
C GLY C 122 -0.55 11.11 -29.05
N ASP C 123 -1.46 10.30 -29.60
CA ASP C 123 -2.90 10.46 -29.39
C ASP C 123 -3.35 9.71 -28.14
N GLN C 124 -3.04 10.33 -27.00
CA GLN C 124 -3.34 9.77 -25.70
C GLN C 124 -4.85 9.57 -25.52
N LYS C 125 -5.64 10.59 -25.81
CA LYS C 125 -7.10 10.50 -25.60
C LYS C 125 -7.71 9.38 -26.38
N GLY C 126 -7.38 9.30 -27.66
CA GLY C 126 -7.93 8.27 -28.51
C GLY C 126 -7.56 6.87 -28.04
N ALA C 127 -6.32 6.72 -27.62
CA ALA C 127 -5.78 5.46 -27.10
C ALA C 127 -6.52 5.00 -25.82
N ILE C 128 -6.66 5.93 -24.87
CA ILE C 128 -7.33 5.60 -23.60
C ILE C 128 -8.84 5.30 -23.79
N ASP C 129 -9.50 6.08 -24.65
CA ASP C 129 -10.90 5.80 -24.97
C ASP C 129 -11.08 4.42 -25.62
N THR C 130 -10.20 4.09 -26.56
CA THR C 130 -10.27 2.80 -27.26
C THR C 130 -10.12 1.63 -26.29
N LEU C 131 -9.19 1.76 -25.37
CA LEU C 131 -8.97 0.69 -24.38
C LEU C 131 -10.18 0.61 -23.44
N ARG C 132 -10.65 1.74 -22.95
CA ARG C 132 -11.80 1.76 -22.03
CA ARG C 132 -11.81 1.81 -22.04
C ARG C 132 -13.01 1.08 -22.65
N LEU C 133 -13.30 1.40 -23.90
CA LEU C 133 -14.44 0.77 -24.57
C LEU C 133 -14.30 -0.75 -24.71
N ALA C 134 -13.07 -1.28 -24.70
CA ALA C 134 -12.79 -2.73 -24.77
C ALA C 134 -12.68 -3.41 -23.39
N GLY C 135 -12.91 -2.65 -22.33
CA GLY C 135 -12.87 -3.19 -20.96
C GLY C 135 -11.51 -3.13 -20.29
N ILE C 136 -10.64 -2.26 -20.78
CA ILE C 136 -9.30 -2.06 -20.22
C ILE C 136 -9.27 -0.66 -19.63
N GLY C 137 -9.18 -0.61 -18.30
CA GLY C 137 -9.14 0.65 -17.57
C GLY C 137 -7.73 1.10 -17.20
N VAL C 138 -7.47 2.37 -17.38
CA VAL C 138 -6.12 2.90 -17.13
C VAL C 138 -6.30 4.32 -16.62
N ILE C 139 -5.83 4.57 -15.39
CA ILE C 139 -5.80 5.94 -14.85
C ILE C 139 -4.48 6.15 -14.14
N GLU C 140 -4.36 7.33 -13.57
CA GLU C 140 -3.13 7.73 -12.89
C GLU C 140 -3.34 7.79 -11.38
N ASN C 141 -2.45 7.15 -10.61
CA ASN C 141 -2.31 7.46 -9.18
C ASN C 141 -1.33 8.60 -9.10
N GLN C 142 -1.63 9.58 -8.25
CA GLN C 142 -0.76 10.72 -8.04
C GLN C 142 -0.40 10.85 -6.57
N TYR C 143 0.82 11.33 -6.32
CA TYR C 143 1.31 11.55 -4.95
C TYR C 143 1.65 13.02 -4.80
N LEU C 144 0.96 13.68 -3.86
CA LEU C 144 0.96 15.12 -3.69
C LEU C 144 1.70 15.60 -2.41
N PRO C 146 2.90 18.75 0.07
CA PRO C 146 2.70 20.15 0.46
C PRO C 146 4.08 20.81 0.50
N LEU C 147 4.27 21.80 -0.33
CA LEU C 147 5.62 22.41 -0.50
C LEU C 147 6.13 23.08 0.77
N ASN C 148 5.39 24.05 1.30
CA ASN C 148 5.91 24.80 2.43
CA ASN C 148 5.84 24.84 2.46
C ASN C 148 5.93 23.97 3.70
N GLN C 149 4.97 23.06 3.86
CA GLN C 149 4.94 22.23 5.06
C GLN C 149 6.08 21.21 5.03
N THR C 150 6.41 20.68 3.87
CA THR C 150 7.56 19.76 3.79
C THR C 150 8.88 20.53 4.00
N ARG C 151 9.02 21.74 3.44
CA ARG C 151 10.17 22.60 3.78
C ARG C 151 10.35 22.76 5.31
N LYS C 152 9.24 23.10 5.96
CA LYS C 152 9.18 23.34 7.41
CA LYS C 152 9.22 23.35 7.40
C LYS C 152 9.56 22.07 8.16
N ALA C 153 9.00 20.93 7.73
CA ALA C 153 9.30 19.68 8.46
C ALA C 153 10.78 19.31 8.35
N VAL C 154 11.35 19.52 7.17
CA VAL C 154 12.75 19.18 6.96
C VAL C 154 13.65 20.11 7.80
N ALA C 155 13.36 21.42 7.82
CA ALA C 155 14.14 22.34 8.66
C ALA C 155 14.03 21.95 10.14
N GLN C 156 12.83 21.60 10.59
CA GLN C 156 12.62 21.21 11.95
C GLN C 156 13.47 19.96 12.30
N SER C 157 13.48 19.03 11.38
CA SER C 157 14.26 17.80 11.52
CA SER C 157 14.26 17.79 11.52
C SER C 157 15.76 18.10 11.59
N GLN C 158 16.22 19.03 10.75
CA GLN C 158 17.64 19.45 10.78
C GLN C 158 18.02 19.95 12.17
N GLU C 159 17.16 20.78 12.75
CA GLU C 159 17.43 21.31 14.08
C GLU C 159 17.44 20.23 15.15
N LEU C 160 16.52 19.28 15.07
CA LEU C 160 16.47 18.22 16.04
C LEU C 160 17.70 17.31 15.90
N LEU C 161 18.12 17.00 14.67
CA LEU C 161 19.35 16.20 14.47
C LEU C 161 20.56 16.89 15.13
N LYS C 162 20.72 18.19 14.88
CA LYS C 162 21.79 18.99 15.51
CA LYS C 162 21.79 18.98 15.49
C LYS C 162 21.81 18.85 17.03
N ALA C 163 20.63 18.77 17.62
CA ALA C 163 20.45 18.66 19.06
C ALA C 163 20.59 17.23 19.56
N GLY C 164 20.88 16.31 18.65
CA GLY C 164 21.00 14.90 18.98
C GLY C 164 19.68 14.17 19.27
N LYS C 165 18.57 14.78 18.87
CA LYS C 165 17.23 14.25 19.17
C LYS C 165 16.76 13.42 17.97
N TYR C 166 17.39 12.27 17.85
CA TYR C 166 17.25 11.43 16.66
C TYR C 166 15.87 10.85 16.54
N TYR C 167 15.39 10.26 17.62
CA TYR C 167 14.05 9.64 17.60
C TYR C 167 12.98 10.68 17.19
N GLU C 168 13.07 11.85 17.79
CA GLU C 168 12.15 12.95 17.50
C GLU C 168 12.23 13.41 16.05
N ALA C 169 13.45 13.59 15.56
CA ALA C 169 13.64 13.94 14.16
C ALA C 169 13.00 12.88 13.25
N ASN C 170 13.20 11.61 13.58
CA ASN C 170 12.56 10.52 12.84
C ASN C 170 11.03 10.69 12.75
N LEU C 171 10.40 11.09 13.84
CA LEU C 171 8.93 11.25 13.85
C LEU C 171 8.50 12.48 13.04
N VAL C 172 9.28 13.56 13.11
CA VAL C 172 8.99 14.74 12.28
C VAL C 172 9.06 14.33 10.79
N LEU C 173 10.10 13.58 10.44
CA LEU C 173 10.23 13.07 9.07
C LEU C 173 9.08 12.09 8.69
N LYS C 174 8.67 11.26 9.65
CA LYS C 174 7.52 10.36 9.45
CA LYS C 174 7.52 10.36 9.46
C LYS C 174 6.28 11.19 9.13
N GLY C 175 6.07 12.26 9.88
CA GLY C 175 4.95 13.17 9.63
C GLY C 175 5.05 13.77 8.23
N ALA C 176 6.26 14.19 7.82
CA ALA C 176 6.43 14.71 6.45
C ALA C 176 5.98 13.64 5.42
N GLU C 177 6.36 12.39 5.64
CA GLU C 177 5.94 11.29 4.75
C GLU C 177 4.42 11.08 4.75
N GLU C 178 3.83 11.16 5.93
CA GLU C 178 2.38 11.06 6.09
C GLU C 178 1.59 12.23 5.52
N GLY C 179 2.28 13.34 5.25
CA GLY C 179 1.72 14.51 4.57
C GLY C 179 1.59 14.37 3.08
N ILE C 180 2.13 13.30 2.49
CA ILE C 180 1.96 13.04 1.07
C ILE C 180 0.54 12.50 0.89
N VAL C 181 -0.25 13.24 0.14
CA VAL C 181 -1.64 12.89 -0.17
C VAL C 181 -1.73 12.03 -1.44
N VAL C 182 -2.49 10.95 -1.34
CA VAL C 182 -2.70 10.09 -2.47
CA VAL C 182 -2.74 10.04 -2.44
C VAL C 182 -3.97 10.54 -3.22
N ASP C 183 -3.88 10.54 -4.54
CA ASP C 183 -5.01 10.97 -5.37
C ASP C 183 -5.00 10.13 -6.64
N SER C 184 -6.11 10.16 -7.35
CA SER C 184 -6.19 9.55 -8.66
CA SER C 184 -6.19 9.55 -8.67
C SER C 184 -6.73 10.54 -9.66
N GLU C 185 -6.37 10.37 -10.91
CA GLU C 185 -6.93 11.21 -11.95
C GLU C 185 -6.94 10.44 -13.25
N LEU C 187 -6.27 9.98 -17.19
CA LEU C 187 -5.13 10.33 -18.01
C LEU C 187 -5.41 11.52 -18.94
N VAL C 188 -6.62 11.60 -19.44
CA VAL C 188 -7.07 12.75 -20.26
C VAL C 188 -6.89 14.10 -19.50
N ALA D 13 22.95 15.59 -9.34
CA ALA D 13 24.38 15.21 -9.12
C ALA D 13 24.66 15.02 -7.65
N ALA D 14 24.45 16.09 -6.87
CA ALA D 14 24.59 16.08 -5.40
C ALA D 14 23.68 14.99 -4.78
N THR D 15 22.41 15.02 -5.13
CA THR D 15 21.47 13.98 -4.66
C THR D 15 21.91 12.59 -5.03
N THR D 16 22.42 12.42 -6.25
CA THR D 16 22.80 11.08 -6.70
C THR D 16 23.96 10.53 -5.86
N GLN D 17 24.95 11.38 -5.59
CA GLN D 17 26.09 11.01 -4.75
C GLN D 17 25.67 10.73 -3.34
N VAL D 18 24.84 11.62 -2.80
CA VAL D 18 24.39 11.50 -1.41
C VAL D 18 23.61 10.20 -1.21
N GLN D 19 22.66 9.95 -2.11
CA GLN D 19 21.84 8.73 -2.01
C GLN D 19 22.67 7.48 -2.20
N LYS D 20 23.64 7.50 -3.13
CA LYS D 20 24.46 6.30 -3.35
CA LYS D 20 24.48 6.33 -3.36
C LYS D 20 25.31 5.98 -2.12
N GLU D 21 25.96 6.99 -1.53
CA GLU D 21 26.75 6.71 -0.35
C GLU D 21 25.89 6.21 0.80
N ALA D 22 24.76 6.88 1.07
CA ALA D 22 23.87 6.46 2.15
C ALA D 22 23.33 5.03 1.97
N ALA D 23 22.90 4.73 0.75
CA ALA D 23 22.33 3.43 0.44
C ALA D 23 23.39 2.35 0.53
N ASP D 24 24.61 2.64 0.05
CA ASP D 24 25.70 1.68 0.17
C ASP D 24 25.94 1.27 1.63
N VAL D 25 25.96 2.24 2.55
CA VAL D 25 26.23 1.92 3.96
C VAL D 25 25.02 1.28 4.66
N LEU D 26 23.84 1.39 4.03
CA LEU D 26 22.62 0.71 4.51
C LEU D 26 22.43 -0.65 3.86
N GLN D 27 23.36 -1.06 3.00
CA GLN D 27 23.21 -2.30 2.22
C GLN D 27 21.89 -2.33 1.41
N VAL D 28 21.56 -1.19 0.80
CA VAL D 28 20.41 -1.08 -0.08
C VAL D 28 20.91 -0.67 -1.46
N ALA D 29 20.50 -1.41 -2.48
CA ALA D 29 20.89 -1.13 -3.85
C ALA D 29 20.00 -0.07 -4.50
N VAL D 30 20.30 1.20 -4.24
CA VAL D 30 19.55 2.31 -4.83
C VAL D 30 19.54 2.27 -6.37
N GLN D 31 20.59 1.69 -6.95
CA GLN D 31 20.62 1.49 -8.41
C GLN D 31 19.42 0.65 -8.90
N GLY D 32 19.01 -0.34 -8.08
CA GLY D 32 17.80 -1.13 -8.37
C GLY D 32 16.52 -0.32 -8.18
N ALA D 33 16.44 0.43 -7.10
CA ALA D 33 15.32 1.37 -6.90
C ALA D 33 15.18 2.29 -8.13
N ASN D 34 16.31 2.78 -8.62
CA ASN D 34 16.31 3.67 -9.78
C ASN D 34 15.86 2.96 -11.05
N ALA D 35 16.29 1.71 -11.25
CA ALA D 35 15.83 0.95 -12.41
C ALA D 35 14.31 0.76 -12.30
N ARG D 37 12.19 2.71 -10.70
CA ARG D 37 11.57 4.01 -10.98
C ARG D 37 11.57 4.31 -12.50
N ASP D 38 12.66 3.99 -13.21
CA ASP D 38 12.68 4.10 -14.68
C ASP D 38 11.51 3.33 -15.27
N ILE D 39 11.31 2.09 -14.82
CA ILE D 39 10.20 1.21 -15.27
C ILE D 39 8.82 1.82 -15.02
N GLN D 40 8.60 2.29 -13.80
CA GLN D 40 7.41 3.01 -13.40
C GLN D 40 7.14 4.19 -14.35
N PHE D 41 8.15 5.02 -14.57
CA PHE D 41 8.03 6.18 -15.45
C PHE D 41 7.80 5.79 -16.92
N ALA D 42 8.39 4.68 -17.34
CA ALA D 42 8.19 4.16 -18.69
C ALA D 42 6.72 3.83 -18.92
N ARG D 43 6.11 3.17 -17.95
CA ARG D 43 4.67 2.83 -18.07
C ARG D 43 3.81 4.09 -18.14
N LEU D 44 4.14 5.06 -17.30
CA LEU D 44 3.49 6.38 -17.37
C LEU D 44 3.66 6.99 -18.77
N ALA D 45 4.90 7.04 -19.24
CA ALA D 45 5.23 7.66 -20.53
C ALA D 45 4.38 7.08 -21.67
N LEU D 46 4.29 5.75 -21.68
CA LEU D 46 3.52 5.04 -22.72
C LEU D 46 2.13 5.56 -22.80
N PHE D 47 1.47 5.67 -21.64
CA PHE D 47 0.09 6.09 -21.59
C PHE D 47 -0.13 7.60 -21.70
N HIS D 48 0.95 8.36 -21.77
CA HIS D 48 0.89 9.77 -22.23
C HIS D 48 1.27 9.93 -23.71
N GLY D 49 1.31 8.83 -24.47
CA GLY D 49 1.75 8.86 -25.87
C GLY D 49 3.16 9.39 -26.05
N GLN D 50 4.09 8.96 -25.16
CA GLN D 50 5.46 9.36 -25.23
C GLN D 50 6.35 8.13 -25.38
N PRO D 51 6.23 7.45 -26.54
CA PRO D 51 7.01 6.22 -26.68
C PRO D 51 8.50 6.45 -26.71
N ASP D 52 8.96 7.62 -27.19
CA ASP D 52 10.42 7.87 -27.23
C ASP D 52 10.98 7.95 -25.82
N SER D 53 10.25 8.64 -24.94
CA SER D 53 10.58 8.71 -23.54
C SER D 53 10.60 7.33 -22.88
N ALA D 54 9.58 6.54 -23.17
CA ALA D 54 9.49 5.14 -22.65
C ALA D 54 10.73 4.31 -23.06
N LYS D 55 11.20 4.47 -24.29
CA LYS D 55 12.44 3.83 -24.74
C LYS D 55 13.65 4.30 -23.95
N LYS D 56 13.78 5.60 -23.78
CA LYS D 56 14.92 6.13 -23.02
C LYS D 56 14.93 5.57 -21.58
N LEU D 57 13.73 5.49 -20.98
CA LEU D 57 13.60 5.01 -19.59
C LEU D 57 13.91 3.53 -19.49
N THR D 58 13.36 2.73 -20.41
CA THR D 58 13.57 1.28 -20.38
CA THR D 58 13.54 1.29 -20.38
C THR D 58 15.01 0.95 -20.70
N ASP D 59 15.62 1.71 -21.64
CA ASP D 59 17.05 1.51 -21.93
C ASP D 59 17.95 1.85 -20.71
N ASP D 60 17.61 2.91 -19.99
CA ASP D 60 18.31 3.25 -18.76
C ASP D 60 18.16 2.15 -17.71
N ALA D 61 16.96 1.61 -17.55
CA ALA D 61 16.74 0.49 -16.60
C ALA D 61 17.65 -0.71 -16.99
N ALA D 62 17.71 -0.98 -18.29
CA ALA D 62 18.53 -2.10 -18.83
C ALA D 62 19.99 -1.87 -18.46
N ALA D 63 20.43 -0.65 -18.70
CA ALA D 63 21.82 -0.26 -18.40
C ALA D 63 22.14 -0.41 -16.91
N LEU D 64 21.26 0.06 -16.04
CA LEU D 64 21.48 -0.07 -14.59
C LEU D 64 21.56 -1.52 -14.16
N LEU D 65 20.59 -2.32 -14.61
CA LEU D 65 20.52 -3.73 -14.27
C LEU D 65 21.68 -4.54 -14.83
N ALA D 66 22.26 -4.04 -15.92
CA ALA D 66 23.39 -4.72 -16.58
C ALA D 66 24.71 -4.63 -15.80
N ALA D 67 24.78 -3.78 -14.77
CA ALA D 67 25.94 -3.79 -13.85
C ALA D 67 26.26 -5.22 -13.44
N ASP D 68 27.54 -5.57 -13.34
CA ASP D 68 27.84 -7.00 -13.24
C ASP D 68 27.40 -7.63 -11.90
N ASP D 69 27.23 -8.96 -11.94
CA ASP D 69 26.72 -9.68 -10.77
C ASP D 69 27.56 -9.44 -9.52
N ALA D 70 28.88 -9.38 -9.68
CA ALA D 70 29.75 -9.10 -8.52
C ALA D 70 29.37 -7.78 -7.83
N SER D 71 28.94 -6.78 -8.59
CA SER D 71 28.61 -5.45 -8.02
C SER D 71 27.30 -5.52 -7.21
N TRP D 72 26.40 -6.41 -7.62
CA TRP D 72 25.12 -6.58 -6.96
C TRP D 72 25.24 -7.44 -5.71
N ALA D 73 26.32 -8.23 -5.65
CA ALA D 73 26.46 -9.28 -4.64
C ALA D 73 26.29 -8.78 -3.23
N LYS D 74 26.84 -7.61 -2.89
CA LYS D 74 26.77 -7.15 -1.48
C LYS D 74 25.36 -6.73 -1.07
N PHE D 75 24.47 -6.60 -2.04
CA PHE D 75 23.07 -6.25 -1.79
C PHE D 75 22.10 -7.42 -1.87
N VAL D 76 22.61 -8.61 -2.16
CA VAL D 76 21.77 -9.78 -2.27
C VAL D 76 21.31 -10.32 -0.90
N LYS D 77 20.01 -10.51 -0.75
CA LYS D 77 19.48 -11.14 0.47
C LYS D 77 19.66 -12.65 0.33
N THR D 78 20.80 -13.16 0.81
CA THR D 78 21.17 -14.53 0.48
CA THR D 78 21.19 -14.53 0.51
C THR D 78 20.26 -15.55 1.13
N ASP D 79 19.64 -15.17 2.25
CA ASP D 79 18.69 -16.04 2.96
C ASP D 79 17.21 -15.71 2.69
N ALA D 80 16.93 -15.05 1.57
CA ALA D 80 15.54 -14.73 1.19
C ALA D 80 14.68 -16.01 1.16
N LYS D 81 13.56 -15.97 1.88
CA LYS D 81 12.69 -17.13 2.10
C LYS D 81 11.50 -17.21 1.11
N ALA D 82 11.00 -16.06 0.69
CA ALA D 82 9.83 -15.97 -0.17
C ALA D 82 10.22 -15.58 -1.59
N LYS D 83 10.64 -16.56 -2.37
CA LYS D 83 11.02 -16.28 -3.73
C LYS D 83 9.91 -16.72 -4.66
N ILE D 85 10.50 -16.90 -7.99
CA ILE D 85 11.30 -17.73 -8.87
CA ILE D 85 11.33 -17.61 -8.96
C ILE D 85 12.70 -17.91 -8.32
N ALA D 86 13.38 -18.95 -8.79
CA ALA D 86 14.75 -19.21 -8.38
C ALA D 86 15.66 -18.13 -8.99
N ASP D 87 16.10 -17.21 -8.15
CA ASP D 87 16.89 -16.06 -8.57
C ASP D 87 17.61 -15.54 -7.36
N ARG D 88 18.54 -14.61 -7.63
CA ARG D 88 19.16 -13.80 -6.60
C ARG D 88 18.29 -12.56 -6.39
N TYR D 89 17.76 -12.45 -5.18
CA TYR D 89 16.97 -11.31 -4.78
C TYR D 89 17.80 -10.24 -4.08
N VAL D 90 17.79 -9.07 -4.70
CA VAL D 90 18.55 -7.91 -4.26
C VAL D 90 17.67 -6.98 -3.39
N ILE D 91 18.18 -6.54 -2.26
CA ILE D 91 17.47 -5.53 -1.44
C ILE D 91 17.66 -4.21 -2.17
N ILE D 92 16.60 -3.75 -2.86
CA ILE D 92 16.69 -2.55 -3.68
C ILE D 92 16.11 -1.32 -3.00
N ASN D 93 15.34 -1.54 -1.94
CA ASN D 93 14.76 -0.42 -1.22
C ASN D 93 14.43 -0.91 0.17
N ALA D 94 14.25 0.02 1.08
CA ALA D 94 13.92 -0.35 2.46
C ALA D 94 13.36 0.87 3.14
N SER D 95 12.56 0.63 4.16
CA SER D 95 12.00 1.75 4.92
C SER D 95 11.73 1.36 6.36
N ILE D 96 11.57 2.37 7.20
CA ILE D 96 11.32 2.16 8.59
C ILE D 96 9.82 1.87 8.83
N ALA D 97 9.52 0.80 9.57
CA ALA D 97 8.14 0.52 10.04
C ALA D 97 8.20 0.85 11.53
N LEU D 98 7.31 1.71 12.01
CA LEU D 98 7.35 2.14 13.39
C LEU D 98 5.97 2.15 14.04
N SER D 99 5.92 1.69 15.28
CA SER D 99 4.67 1.71 16.08
C SER D 99 4.96 2.14 17.50
N GLU D 100 4.17 3.12 17.95
CA GLU D 100 4.05 3.44 19.36
C GLU D 100 2.63 3.96 19.61
N ASP D 101 2.32 4.23 20.86
CA ASP D 101 1.00 4.77 21.19
C ASP D 101 0.87 6.31 21.22
N TYR D 102 1.99 7.01 21.04
CA TYR D 102 2.06 8.48 20.98
C TYR D 102 1.62 9.21 22.24
N VAL D 103 1.52 8.44 23.34
CA VAL D 103 1.28 9.01 24.66
C VAL D 103 2.61 9.10 25.40
N ALA D 104 2.98 10.32 25.76
CA ALA D 104 4.25 10.56 26.48
C ALA D 104 4.15 10.06 27.91
N THR D 105 5.20 9.37 28.34
CA THR D 105 5.35 8.97 29.74
C THR D 105 6.80 9.21 30.14
N PRO D 106 7.06 9.37 31.43
CA PRO D 106 8.51 9.49 31.79
C PRO D 106 9.38 8.31 31.43
N GLU D 107 8.85 7.10 31.50
CA GLU D 107 9.62 5.95 31.06
C GLU D 107 9.99 6.05 29.57
N LYS D 108 9.03 6.45 28.73
CA LYS D 108 9.30 6.61 27.30
C LYS D 108 10.29 7.73 27.04
N GLU D 109 10.12 8.87 27.71
CA GLU D 109 11.04 9.98 27.54
C GLU D 109 12.45 9.58 27.90
N SER D 110 12.61 8.83 29.00
CA SER D 110 13.95 8.39 29.41
C SER D 110 14.50 7.41 28.39
N ALA D 111 13.62 6.52 27.92
CA ALA D 111 14.01 5.50 26.92
C ALA D 111 14.48 6.18 25.63
N ILE D 112 13.78 7.23 25.20
CA ILE D 112 14.14 7.96 23.97
C ILE D 112 15.48 8.64 24.14
N GLN D 113 15.68 9.29 25.28
CA GLN D 113 16.97 9.93 25.58
C GLN D 113 18.11 8.94 25.53
N SER D 114 17.89 7.79 26.16
CA SER D 114 18.88 6.75 26.17
C SER D 114 19.18 6.20 24.77
N ALA D 115 18.13 5.90 24.03
CA ALA D 115 18.25 5.44 22.68
C ALA D 115 18.95 6.44 21.75
N ASN D 116 18.66 7.73 21.89
CA ASN D 116 19.31 8.76 21.08
C ASN D 116 20.82 8.74 21.29
N GLU D 117 21.20 8.64 22.57
CA GLU D 117 22.63 8.58 22.92
C GLU D 117 23.28 7.35 22.32
N LYS D 118 22.59 6.23 22.45
CA LYS D 118 23.12 4.97 21.93
C LYS D 118 23.29 4.98 20.41
N LEU D 119 22.31 5.52 19.69
CA LEU D 119 22.41 5.69 18.25
C LEU D 119 23.57 6.60 17.87
N ALA D 120 23.76 7.69 18.61
CA ALA D 120 24.86 8.64 18.31
C ALA D 120 26.21 7.92 18.43
N LYS D 121 26.27 6.92 19.32
CA LYS D 121 27.51 6.23 19.66
C LYS D 121 27.64 4.84 18.96
N GLY D 122 26.69 4.52 18.09
CA GLY D 122 26.75 3.26 17.31
C GLY D 122 26.29 1.98 17.99
N ASP D 123 25.56 2.09 19.09
CA ASP D 123 25.06 0.92 19.78
C ASP D 123 23.63 0.75 19.27
N GLN D 124 23.54 0.29 18.02
CA GLN D 124 22.26 0.10 17.38
C GLN D 124 21.40 -0.85 18.16
N LYS D 125 21.94 -2.02 18.49
CA LYS D 125 21.16 -3.01 19.24
C LYS D 125 20.61 -2.45 20.56
N GLY D 126 21.46 -1.76 21.30
CA GLY D 126 21.03 -1.19 22.59
C GLY D 126 19.94 -0.14 22.39
N ALA D 127 20.08 0.69 21.36
CA ALA D 127 19.03 1.67 21.05
C ALA D 127 17.69 0.99 20.77
N ILE D 128 17.70 0.05 19.85
CA ILE D 128 16.44 -0.60 19.45
C ILE D 128 15.80 -1.36 20.63
N ASP D 129 16.63 -2.07 21.38
CA ASP D 129 16.15 -2.81 22.57
C ASP D 129 15.51 -1.87 23.61
N THR D 130 16.18 -0.76 23.86
CA THR D 130 15.71 0.25 24.80
C THR D 130 14.37 0.84 24.38
N LEU D 131 14.24 1.17 23.10
CA LEU D 131 12.98 1.65 22.57
C LEU D 131 11.91 0.56 22.68
N ARG D 132 12.24 -0.65 22.25
CA ARG D 132 11.30 -1.78 22.30
C ARG D 132 10.72 -2.03 23.68
N LEU D 133 11.58 -2.02 24.70
CA LEU D 133 11.16 -2.29 26.07
C LEU D 133 10.23 -1.22 26.63
N ALA D 134 10.31 -0.02 26.06
CA ALA D 134 9.45 1.12 26.38
C ALA D 134 8.15 1.18 25.54
N GLY D 135 7.94 0.21 24.64
CA GLY D 135 6.75 0.15 23.81
C GLY D 135 6.85 0.92 22.52
N ILE D 136 8.08 1.16 22.04
CA ILE D 136 8.32 1.79 20.75
C ILE D 136 8.96 0.76 19.85
N GLY D 137 8.18 0.28 18.88
CA GLY D 137 8.64 -0.74 17.96
C GLY D 137 9.12 -0.15 16.66
N VAL D 138 10.24 -0.70 16.18
CA VAL D 138 10.89 -0.20 14.95
C VAL D 138 11.57 -1.35 14.23
N ILE D 139 11.15 -1.59 12.99
CA ILE D 139 11.75 -2.64 12.15
C ILE D 139 11.89 -2.09 10.75
N GLU D 140 12.43 -2.91 9.86
CA GLU D 140 12.71 -2.52 8.49
C GLU D 140 11.76 -3.19 7.49
N ASN D 141 11.12 -2.43 6.61
CA ASN D 141 10.45 -3.03 5.45
C ASN D 141 11.52 -3.15 4.38
N GLN D 142 11.51 -4.26 3.63
CA GLN D 142 12.49 -4.49 2.58
C GLN D 142 11.77 -4.81 1.28
N TYR D 143 12.33 -4.34 0.18
CA TYR D 143 11.79 -4.55 -1.15
C TYR D 143 12.85 -5.32 -1.94
N LEU D 144 12.49 -6.53 -2.37
CA LEU D 144 13.42 -7.48 -2.94
C LEU D 144 13.17 -7.70 -4.44
N PRO D 146 14.21 -9.68 -8.04
CA PRO D 146 14.89 -10.82 -8.66
C PRO D 146 15.76 -10.30 -9.81
N LEU D 147 17.06 -10.45 -9.67
CA LEU D 147 17.98 -9.78 -10.58
C LEU D 147 17.86 -10.29 -12.02
N ASN D 148 17.97 -11.59 -12.22
CA ASN D 148 17.93 -12.10 -13.58
CA ASN D 148 17.90 -12.18 -13.56
C ASN D 148 16.52 -11.99 -14.19
N GLN D 149 15.49 -12.26 -13.42
CA GLN D 149 14.12 -12.11 -13.94
C GLN D 149 13.77 -10.67 -14.32
N THR D 150 14.29 -9.68 -13.58
CA THR D 150 14.00 -8.28 -13.90
C THR D 150 14.77 -7.82 -15.15
N ARG D 151 16.03 -8.26 -15.26
CA ARG D 151 16.80 -8.13 -16.50
C ARG D 151 16.01 -8.67 -17.71
N LYS D 152 15.50 -9.89 -17.56
CA LYS D 152 14.72 -10.52 -18.61
CA LYS D 152 14.71 -10.54 -18.61
C LYS D 152 13.48 -9.70 -19.00
N ALA D 153 12.72 -9.28 -18.00
CA ALA D 153 11.53 -8.48 -18.21
C ALA D 153 11.83 -7.17 -18.95
N VAL D 154 12.89 -6.48 -18.56
CA VAL D 154 13.24 -5.22 -19.21
C VAL D 154 13.64 -5.49 -20.69
N ALA D 155 14.45 -6.51 -20.92
CA ALA D 155 14.82 -6.86 -22.31
C ALA D 155 13.59 -7.17 -23.20
N GLN D 156 12.67 -7.95 -22.66
CA GLN D 156 11.43 -8.28 -23.37
C GLN D 156 10.63 -7.02 -23.66
N SER D 157 10.54 -6.13 -22.67
CA SER D 157 9.88 -4.84 -22.87
CA SER D 157 9.87 -4.84 -22.87
C SER D 157 10.54 -4.01 -23.97
N GLN D 158 11.88 -3.96 -24.01
CA GLN D 158 12.63 -3.24 -25.07
C GLN D 158 12.21 -3.74 -26.46
N GLU D 159 12.15 -5.05 -26.62
CA GLU D 159 11.79 -5.66 -27.89
C GLU D 159 10.34 -5.33 -28.28
N LEU D 160 9.44 -5.37 -27.32
CA LEU D 160 8.03 -5.02 -27.58
C LEU D 160 7.93 -3.56 -28.00
N LEU D 161 8.65 -2.68 -27.33
CA LEU D 161 8.60 -1.27 -27.68
C LEU D 161 9.10 -1.07 -29.10
N LYS D 162 10.17 -1.76 -29.46
CA LYS D 162 10.69 -1.66 -30.83
C LYS D 162 9.63 -2.07 -31.86
N ALA D 163 8.80 -3.05 -31.49
CA ALA D 163 7.72 -3.55 -32.34
C ALA D 163 6.46 -2.67 -32.29
N GLY D 164 6.48 -1.60 -31.51
CA GLY D 164 5.32 -0.74 -31.34
C GLY D 164 4.22 -1.32 -30.48
N LYS D 165 4.53 -2.39 -29.76
CA LYS D 165 3.57 -3.07 -28.91
C LYS D 165 3.59 -2.43 -27.53
N TYR D 166 3.10 -1.21 -27.45
CA TYR D 166 3.17 -0.44 -26.23
C TYR D 166 2.38 -1.00 -25.05
N TYR D 167 1.12 -1.36 -25.29
CA TYR D 167 0.29 -1.89 -24.23
C TYR D 167 0.95 -3.16 -23.64
N GLU D 168 1.38 -4.04 -24.53
CA GLU D 168 2.02 -5.28 -24.13
C GLU D 168 3.32 -5.02 -23.34
N ALA D 169 4.16 -4.12 -23.82
CA ALA D 169 5.36 -3.68 -23.08
C ALA D 169 4.96 -3.20 -21.68
N ASN D 170 3.94 -2.35 -21.60
CA ASN D 170 3.42 -1.89 -20.30
C ASN D 170 3.10 -3.05 -19.35
N LEU D 171 2.46 -4.12 -19.83
CA LEU D 171 2.15 -5.26 -18.96
C LEU D 171 3.37 -6.11 -18.52
N VAL D 172 4.36 -6.25 -19.42
CA VAL D 172 5.60 -6.95 -19.06
C VAL D 172 6.25 -6.16 -17.93
N LEU D 173 6.25 -4.84 -18.08
CA LEU D 173 6.80 -3.95 -17.06
C LEU D 173 6.00 -4.03 -15.73
N LYS D 174 4.69 -4.04 -15.83
CA LYS D 174 3.85 -4.28 -14.66
C LYS D 174 4.24 -5.57 -13.96
N GLY D 175 4.42 -6.61 -14.75
CA GLY D 175 4.87 -7.90 -14.24
C GLY D 175 6.17 -7.76 -13.45
N ALA D 176 7.10 -7.00 -14.00
CA ALA D 176 8.41 -6.80 -13.36
C ALA D 176 8.22 -6.08 -12.00
N GLU D 177 7.32 -5.12 -11.98
CA GLU D 177 6.96 -4.43 -10.71
C GLU D 177 6.31 -5.40 -9.69
N GLU D 178 5.44 -6.29 -10.18
CA GLU D 178 4.76 -7.29 -9.35
C GLU D 178 5.71 -8.35 -8.82
N GLY D 179 6.91 -8.44 -9.41
CA GLY D 179 7.92 -9.41 -8.97
C GLY D 179 8.74 -8.90 -7.79
N ILE D 180 8.56 -7.65 -7.41
CA ILE D 180 9.27 -7.11 -6.25
C ILE D 180 8.57 -7.68 -5.01
N VAL D 181 9.32 -8.37 -4.19
CA VAL D 181 8.80 -9.03 -3.01
C VAL D 181 8.99 -8.16 -1.79
N VAL D 182 7.94 -8.06 -0.97
CA VAL D 182 7.98 -7.26 0.25
C VAL D 182 8.31 -8.16 1.42
N ASP D 183 9.25 -7.72 2.24
CA ASP D 183 9.63 -8.49 3.42
C ASP D 183 9.85 -7.52 4.57
N SER D 184 9.99 -8.08 5.76
CA SER D 184 10.28 -7.34 6.96
CA SER D 184 10.33 -7.30 6.91
C SER D 184 11.47 -7.96 7.65
N GLU D 185 12.29 -7.15 8.29
CA GLU D 185 13.40 -7.69 9.06
CA GLU D 185 13.40 -7.69 9.06
C GLU D 185 13.68 -6.81 10.26
N LEU D 187 16.01 -4.63 12.71
CA LEU D 187 17.02 -3.65 12.31
C LEU D 187 18.44 -4.11 12.51
N VAL D 188 18.63 -4.90 13.54
CA VAL D 188 19.95 -5.39 13.89
C VAL D 188 20.41 -6.54 12.99
#